data_6A79
#
_entry.id   6A79
#
_cell.length_a   70.766
_cell.length_b   150.219
_cell.length_c   66.852
_cell.angle_alpha   90.00
_cell.angle_beta   90.00
_cell.angle_gamma   90.00
#
_symmetry.space_group_name_H-M   'P 21 21 2'
#
loop_
_entity.id
_entity.type
_entity.pdbx_description
1 polymer 'Roundabout homolog 1'
2 polymer 'Light chain region of the anti-human Robo1 antibody B5209B scFv'
3 polymer 'Heavy chain of the anti-human Robo1 antibody B5209B scFv'
4 non-polymer 'SULFATE ION'
5 water water
#
loop_
_entity_poly.entity_id
_entity_poly.type
_entity_poly.pdbx_seq_one_letter_code
_entity_poly.pdbx_strand_id
1 'polypeptide(L)'
;MGPVIRQGPVNQTVAVDGTFVLSCVATGSPVPTILWRKDGVLVSTQDSRIKQLENGVLQIRYAKLGDTGRYTCIASTPSG
EATWSAYIEVQ
;
A,B
2 'polypeptide(L)'
;DILDIQMTQSPASLSASVGETVTITCGASENIYGALTWYQRKQGKSPQLLIYGAINLADDKSSRFSGSGSGRQYSLKISS
LHPDDVATYYCQNVLSTPFTFGSGTKLEIKAA
;
L,M
3 'polypeptide(L)'
;EVQLVESGGGVVQPGGSLKLSCAASGFTFSTYDMSWVRQTPDKRLELVATINSNGGSTYYPDSVKGRFTSSRDNAKNILY
LQMSSLKSEDTAMYYCAREALLRPAYYALDYWGQGTSVTVSSAGGGGSGGGGSGGGGS
;
H,I
#
# COMPACT_ATOMS: atom_id res chain seq x y z
N GLY A 2 32.40 6.79 -4.31
CA GLY A 2 32.35 6.09 -5.63
C GLY A 2 31.90 4.63 -5.47
N PRO A 3 30.65 4.32 -5.87
CA PRO A 3 29.97 3.11 -5.44
C PRO A 3 30.52 1.80 -6.02
N VAL A 4 30.49 0.76 -5.21
CA VAL A 4 31.06 -0.53 -5.55
C VAL A 4 30.19 -1.63 -4.92
N ILE A 5 29.81 -2.63 -5.71
CA ILE A 5 28.86 -3.63 -5.23
C ILE A 5 29.63 -4.80 -4.65
N ARG A 6 29.48 -4.97 -3.33
CA ARG A 6 30.20 -6.04 -2.64
C ARG A 6 29.62 -7.38 -2.98
N GLN A 7 28.30 -7.48 -2.84
CA GLN A 7 27.55 -8.66 -3.23
C GLN A 7 26.31 -8.27 -4.06
N GLY A 8 26.25 -8.80 -5.28
CA GLY A 8 25.14 -8.54 -6.19
C GLY A 8 24.10 -9.59 -6.03
N PRO A 9 23.04 -9.52 -6.84
CA PRO A 9 22.04 -10.57 -6.86
C PRO A 9 22.65 -11.88 -7.34
N VAL A 10 22.04 -13.03 -7.04
CA VAL A 10 22.56 -14.33 -7.53
C VAL A 10 21.59 -15.18 -8.36
N ASN A 11 22.18 -16.08 -9.12
CA ASN A 11 21.42 -17.03 -9.90
C ASN A 11 20.63 -17.95 -8.98
N GLN A 12 19.34 -18.11 -9.26
CA GLN A 12 18.49 -18.99 -8.49
C GLN A 12 17.45 -19.63 -9.38
N THR A 13 17.02 -20.82 -8.95
CA THR A 13 15.84 -21.50 -9.45
C THR A 13 14.77 -21.43 -8.35
N VAL A 14 13.63 -20.82 -8.62
CA VAL A 14 12.58 -20.76 -7.58
C VAL A 14 11.32 -21.55 -7.97
N ALA A 15 10.53 -21.92 -6.98
CA ALA A 15 9.25 -22.57 -7.23
C ALA A 15 8.17 -21.52 -7.52
N VAL A 16 7.21 -21.89 -8.37
CA VAL A 16 6.00 -21.12 -8.61
C VAL A 16 5.17 -20.98 -7.32
N ASP A 17 4.83 -19.73 -7.02
CA ASP A 17 4.03 -19.34 -5.86
C ASP A 17 4.89 -19.08 -4.64
N GLY A 18 6.20 -19.22 -4.79
CA GLY A 18 7.12 -18.96 -3.70
C GLY A 18 7.46 -17.50 -3.58
N THR A 19 8.20 -17.21 -2.52
CA THR A 19 8.71 -15.88 -2.31
C THR A 19 10.24 -16.01 -2.36
N PHE A 20 10.86 -15.14 -3.16
CA PHE A 20 12.31 -15.08 -3.28
C PHE A 20 12.71 -13.64 -3.27
N VAL A 21 13.99 -13.40 -3.04
CA VAL A 21 14.51 -12.06 -3.13
C VAL A 21 15.73 -11.96 -4.04
N LEU A 22 16.03 -10.74 -4.44
CA LEU A 22 17.37 -10.36 -4.87
C LEU A 22 17.87 -9.34 -3.88
N SER A 23 19.14 -9.42 -3.54
CA SER A 23 19.78 -8.48 -2.65
C SER A 23 20.96 -7.90 -3.36
N CYS A 24 21.32 -6.67 -2.98
CA CYS A 24 22.43 -5.94 -3.58
C CYS A 24 23.14 -5.08 -2.54
N VAL A 25 24.21 -5.62 -2.00
CA VAL A 25 24.94 -4.96 -0.92
C VAL A 25 25.91 -4.01 -1.58
N ALA A 26 25.74 -2.74 -1.27
CA ALA A 26 26.51 -1.68 -1.91
C ALA A 26 27.16 -0.73 -0.90
N THR A 27 28.43 -0.40 -1.16
CA THR A 27 29.16 0.59 -0.38
C THR A 27 29.50 1.81 -1.26
N GLY A 28 29.75 2.93 -0.61
CA GLY A 28 30.16 4.16 -1.28
C GLY A 28 29.97 5.34 -0.34
N SER A 29 30.06 6.55 -0.87
CA SER A 29 29.67 7.72 -0.11
C SER A 29 29.28 8.81 -1.09
N PRO A 30 28.07 9.35 -0.94
CA PRO A 30 27.12 8.98 0.10
C PRO A 30 26.53 7.61 -0.16
N VAL A 31 25.88 7.07 0.87
CA VAL A 31 25.18 5.79 0.78
C VAL A 31 24.48 5.63 -0.59
N PRO A 32 24.85 4.56 -1.35
CA PRO A 32 24.29 4.43 -2.69
C PRO A 32 22.85 3.96 -2.68
N THR A 33 21.95 4.69 -3.37
CA THR A 33 20.58 4.18 -3.57
C THR A 33 20.61 3.05 -4.61
N ILE A 34 19.85 2.00 -4.36
CA ILE A 34 19.75 0.88 -5.29
C ILE A 34 18.44 0.94 -6.09
N LEU A 35 18.51 0.67 -7.38
CA LEU A 35 17.32 0.39 -8.20
C LEU A 35 17.36 -1.01 -8.75
N TRP A 36 16.19 -1.47 -9.19
CA TRP A 36 16.07 -2.74 -9.89
C TRP A 36 15.43 -2.64 -11.29
N ARG A 37 16.13 -3.27 -12.24
CA ARG A 37 15.64 -3.51 -13.58
C ARG A 37 15.48 -4.98 -13.76
N LYS A 38 14.47 -5.37 -14.51
CA LYS A 38 14.27 -6.77 -14.91
C LYS A 38 14.11 -6.75 -16.43
N ASP A 39 14.99 -7.49 -17.11
CA ASP A 39 15.00 -7.56 -18.56
C ASP A 39 15.03 -6.14 -19.16
N GLY A 40 15.92 -5.31 -18.62
CA GLY A 40 16.16 -3.95 -19.13
C GLY A 40 15.17 -2.90 -18.72
N VAL A 41 14.08 -3.29 -18.05
CA VAL A 41 13.03 -2.36 -17.65
C VAL A 41 12.92 -2.25 -16.13
N LEU A 42 12.68 -1.01 -15.69
CA LEU A 42 12.61 -0.65 -14.27
C LEU A 42 11.43 -1.32 -13.62
N VAL A 43 11.76 -2.10 -12.60
CA VAL A 43 10.81 -2.94 -11.88
C VAL A 43 9.74 -2.10 -11.17
N SER A 44 8.48 -2.51 -11.34
CA SER A 44 7.35 -1.82 -10.73
C SER A 44 7.00 -2.38 -9.34
N THR A 45 7.60 -1.77 -8.31
CA THR A 45 7.19 -2.01 -6.91
C THR A 45 5.72 -1.81 -6.70
N GLN A 46 5.08 -1.12 -7.64
CA GLN A 46 3.64 -0.82 -7.57
C GLN A 46 2.80 -2.07 -7.57
N ASP A 47 3.11 -3.01 -8.46
CA ASP A 47 2.44 -4.28 -8.38
C ASP A 47 2.74 -4.86 -6.99
N SER A 48 1.69 -5.19 -6.24
CA SER A 48 1.83 -5.48 -4.80
C SER A 48 2.48 -6.83 -4.38
N ARG A 49 2.86 -7.66 -5.37
CA ARG A 49 3.73 -8.84 -5.12
C ARG A 49 5.14 -8.39 -4.83
N ILE A 50 5.51 -7.31 -5.51
CA ILE A 50 6.88 -6.89 -5.60
C ILE A 50 7.16 -5.80 -4.58
N LYS A 51 8.21 -6.03 -3.78
CA LYS A 51 8.47 -5.18 -2.64
C LYS A 51 9.94 -4.81 -2.52
N GLN A 52 10.19 -3.50 -2.45
CA GLN A 52 11.52 -3.00 -2.18
C GLN A 52 11.55 -2.87 -0.68
N LEU A 53 12.36 -3.73 -0.07
CA LEU A 53 12.54 -3.83 1.39
C LEU A 53 13.89 -3.19 1.75
N GLU A 54 14.19 -3.16 3.04
CA GLU A 54 15.41 -2.50 3.53
C GLU A 54 16.66 -3.32 3.28
N ASN A 55 17.81 -2.64 3.43
CA ASN A 55 19.13 -3.21 3.16
C ASN A 55 19.24 -3.68 1.70
N GLY A 56 18.62 -2.92 0.79
CA GLY A 56 18.73 -3.17 -0.63
C GLY A 56 18.19 -4.51 -1.13
N VAL A 57 17.08 -4.97 -0.56
CA VAL A 57 16.43 -6.21 -1.01
C VAL A 57 15.22 -5.92 -1.88
N LEU A 58 15.12 -6.66 -2.98
CA LEU A 58 13.88 -6.75 -3.72
C LEU A 58 13.22 -8.12 -3.48
N GLN A 59 11.97 -8.11 -3.04
CA GLN A 59 11.21 -9.33 -2.79
C GLN A 59 10.00 -9.48 -3.68
N ILE A 60 9.80 -10.72 -4.10
CA ILE A 60 8.74 -11.07 -5.03
C ILE A 60 7.99 -12.24 -4.45
N ARG A 61 6.74 -11.96 -4.08
CA ARG A 61 5.87 -12.99 -3.51
CA ARG A 61 5.77 -12.90 -3.51
C ARG A 61 5.04 -13.62 -4.61
N TYR A 62 4.38 -14.73 -4.27
CA TYR A 62 3.54 -15.54 -5.18
C TYR A 62 4.11 -15.67 -6.62
N ALA A 63 5.36 -16.12 -6.69
CA ALA A 63 6.14 -16.21 -7.94
C ALA A 63 5.38 -16.78 -9.14
N LYS A 64 5.64 -16.20 -10.30
CA LYS A 64 5.02 -16.57 -11.59
C LYS A 64 6.09 -16.93 -12.58
N LEU A 65 5.73 -17.76 -13.55
CA LEU A 65 6.63 -18.11 -14.67
C LEU A 65 7.24 -16.86 -15.37
N GLY A 66 6.41 -15.86 -15.60
CA GLY A 66 6.88 -14.60 -16.15
C GLY A 66 7.90 -13.85 -15.32
N ASP A 67 8.13 -14.25 -14.07
CA ASP A 67 9.24 -13.67 -13.29
C ASP A 67 10.63 -14.19 -13.67
N THR A 68 10.70 -15.22 -14.52
CA THR A 68 11.96 -15.64 -15.07
C THR A 68 12.53 -14.51 -15.92
N GLY A 69 13.81 -14.20 -15.70
CA GLY A 69 14.54 -13.18 -16.49
C GLY A 69 15.84 -12.70 -15.85
N ARG A 70 16.41 -11.69 -16.47
CA ARG A 70 17.65 -11.05 -16.04
C ARG A 70 17.28 -9.88 -15.15
N TYR A 71 17.55 -10.02 -13.85
CA TYR A 71 17.36 -8.94 -12.93
C TYR A 71 18.69 -8.21 -12.75
N THR A 72 18.66 -6.87 -12.86
CA THR A 72 19.86 -6.06 -12.65
C THR A 72 19.73 -5.10 -11.46
N CYS A 73 20.78 -5.07 -10.65
CA CYS A 73 20.89 -4.13 -9.56
C CYS A 73 21.58 -2.90 -10.09
N ILE A 74 21.07 -1.70 -9.77
CA ILE A 74 21.85 -0.47 -9.99
C ILE A 74 22.05 0.27 -8.68
N ALA A 75 23.31 0.52 -8.37
CA ALA A 75 23.74 1.27 -7.18
C ALA A 75 24.21 2.62 -7.66
N SER A 76 23.66 3.70 -7.12
CA SER A 76 23.88 5.03 -7.70
C SER A 76 24.30 6.02 -6.65
N THR A 77 25.12 6.96 -7.11
CA THR A 77 25.60 8.07 -6.31
C THR A 77 25.70 9.24 -7.28
N PRO A 78 25.55 10.48 -6.79
CA PRO A 78 25.97 11.65 -7.58
C PRO A 78 27.32 11.47 -8.33
N SER A 79 28.32 10.91 -7.67
CA SER A 79 29.60 10.47 -8.30
C SER A 79 29.43 9.56 -9.52
N GLY A 80 28.79 8.42 -9.31
CA GLY A 80 28.63 7.42 -10.37
C GLY A 80 27.70 6.28 -10.00
N GLU A 81 27.73 5.23 -10.82
CA GLU A 81 26.87 4.08 -10.60
C GLU A 81 27.59 2.78 -10.84
N ALA A 82 27.00 1.71 -10.31
CA ALA A 82 27.51 0.37 -10.51
C ALA A 82 26.38 -0.59 -10.93
N THR A 83 26.80 -1.70 -11.52
CA THR A 83 25.94 -2.69 -12.16
C THR A 83 26.29 -4.07 -11.65
N TRP A 84 25.28 -4.91 -11.40
CA TRP A 84 25.49 -6.34 -11.13
C TRP A 84 24.19 -7.07 -11.40
N SER A 85 24.27 -8.10 -12.22
CA SER A 85 23.08 -8.82 -12.61
C SER A 85 23.21 -10.31 -12.45
N ALA A 86 22.05 -10.94 -12.50
CA ALA A 86 21.89 -12.36 -12.25
C ALA A 86 20.60 -12.84 -12.88
N TYR A 87 20.51 -14.15 -13.04
CA TYR A 87 19.39 -14.77 -13.75
CA TYR A 87 19.42 -14.76 -13.75
C TYR A 87 18.58 -15.63 -12.83
N ILE A 88 17.27 -15.42 -12.87
CA ILE A 88 16.28 -16.11 -12.08
C ILE A 88 15.47 -16.96 -13.04
N GLU A 89 15.31 -18.22 -12.67
CA GLU A 89 14.43 -19.14 -13.38
C GLU A 89 13.33 -19.63 -12.45
N VAL A 90 12.09 -19.27 -12.75
CA VAL A 90 10.92 -19.78 -12.02
C VAL A 90 10.44 -21.06 -12.71
N GLN A 91 10.15 -22.11 -11.93
CA GLN A 91 9.46 -23.30 -12.48
C GLN A 91 8.39 -23.92 -11.56
N LEU B 3 19.17 -26.14 1.22
CA LEU B 3 18.34 -25.18 0.39
C LEU B 3 17.34 -24.32 1.21
N ASP B 4 16.58 -24.98 2.09
CA ASP B 4 15.71 -24.29 3.05
C ASP B 4 16.62 -23.55 4.03
N ILE B 5 16.12 -22.46 4.58
CA ILE B 5 16.90 -21.59 5.47
C ILE B 5 16.64 -21.94 6.94
N GLN B 6 17.69 -22.32 7.67
CA GLN B 6 17.54 -22.66 9.07
C GLN B 6 17.34 -21.42 9.95
N MET B 7 16.44 -21.52 10.90
CA MET B 7 16.44 -20.60 12.01
C MET B 7 16.70 -21.39 13.31
N THR B 8 17.82 -21.13 13.99
CA THR B 8 18.07 -21.72 15.33
C THR B 8 17.89 -20.69 16.47
N GLN B 9 17.29 -21.14 17.57
CA GLN B 9 17.02 -20.28 18.70
C GLN B 9 17.75 -20.70 19.96
N SER B 10 18.45 -19.74 20.51
CA SER B 10 19.17 -19.98 21.71
C SER B 10 18.62 -19.04 22.82
N PRO B 11 18.37 -19.53 24.04
CA PRO B 11 18.32 -20.94 24.48
C PRO B 11 17.03 -21.64 24.15
N ALA B 12 16.94 -22.93 24.47
CA ALA B 12 15.68 -23.65 24.40
C ALA B 12 14.72 -23.10 25.40
N SER B 13 15.15 -23.04 26.64
CA SER B 13 14.33 -22.45 27.70
C SER B 13 15.18 -21.69 28.73
N LEU B 14 14.53 -20.90 29.57
CA LEU B 14 15.22 -20.24 30.70
C LEU B 14 14.24 -19.67 31.73
N SER B 15 14.66 -19.70 32.99
CA SER B 15 13.91 -19.11 34.08
C SER B 15 14.78 -18.05 34.68
N ALA B 16 14.17 -16.91 34.93
CA ALA B 16 14.86 -15.73 35.44
C ALA B 16 13.92 -15.07 36.40
N SER B 17 14.31 -13.90 36.89
CA SER B 17 13.56 -13.24 37.93
C SER B 17 12.94 -11.96 37.46
N VAL B 18 11.91 -11.54 38.18
CA VAL B 18 11.23 -10.27 37.90
C VAL B 18 12.22 -9.11 38.02
N GLY B 19 12.20 -8.26 37.00
CA GLY B 19 12.92 -7.00 37.02
C GLY B 19 14.21 -7.08 36.25
N GLU B 20 14.52 -8.29 35.78
CA GLU B 20 15.77 -8.53 35.12
C GLU B 20 15.62 -8.28 33.63
N THR B 21 16.77 -8.16 32.98
CA THR B 21 16.82 -8.10 31.53
C THR B 21 17.34 -9.44 31.04
N VAL B 22 16.76 -9.88 29.94
CA VAL B 22 17.06 -11.19 29.44
C VAL B 22 17.04 -11.10 27.94
N THR B 23 18.10 -11.64 27.35
CA THR B 23 18.29 -11.77 25.89
C THR B 23 18.00 -13.20 25.33
N ILE B 24 17.24 -13.26 24.24
CA ILE B 24 17.02 -14.48 23.44
C ILE B 24 17.60 -14.28 22.06
N THR B 25 18.47 -15.20 21.62
CA THR B 25 19.09 -15.09 20.31
C THR B 25 18.51 -16.02 19.27
N CYS B 26 18.59 -15.54 18.01
CA CYS B 26 18.08 -16.24 16.85
C CYS B 26 19.15 -16.16 15.80
N GLY B 27 19.51 -17.34 15.29
CA GLY B 27 20.50 -17.52 14.21
C GLY B 27 19.92 -18.07 12.90
N ALA B 28 20.36 -17.52 11.76
CA ALA B 28 19.96 -17.99 10.45
C ALA B 28 21.16 -18.64 9.74
N SER B 29 20.96 -19.80 9.10
CA SER B 29 22.00 -20.45 8.30
C SER B 29 22.53 -19.59 7.18
N GLU B 30 21.84 -18.49 6.89
CA GLU B 30 22.33 -17.51 5.97
C GLU B 30 21.89 -16.06 6.25
N ASN B 31 22.50 -15.09 5.57
CA ASN B 31 22.14 -13.70 5.73
C ASN B 31 20.71 -13.42 5.24
N ILE B 32 19.84 -13.12 6.20
CA ILE B 32 18.41 -12.89 5.96
C ILE B 32 18.01 -11.41 6.02
N TYR B 33 19.00 -10.51 6.00
CA TYR B 33 18.75 -9.07 5.74
C TYR B 33 17.71 -8.39 6.60
N GLY B 34 17.52 -8.93 7.82
CA GLY B 34 16.58 -8.43 8.81
C GLY B 34 15.14 -8.76 8.50
N ALA B 35 14.92 -9.68 7.57
CA ALA B 35 13.58 -10.04 7.17
C ALA B 35 13.21 -11.12 8.16
N LEU B 36 12.91 -10.67 9.37
CA LEU B 36 12.79 -11.54 10.52
C LEU B 36 11.68 -10.99 11.37
N THR B 37 10.81 -11.87 11.85
CA THR B 37 9.71 -11.43 12.70
C THR B 37 9.58 -12.25 14.00
N TRP B 38 9.15 -11.59 15.08
CA TRP B 38 9.04 -12.21 16.39
C TRP B 38 7.56 -12.31 16.82
N TYR B 39 7.23 -13.42 17.46
CA TYR B 39 5.90 -13.71 17.96
C TYR B 39 5.95 -14.18 19.40
N GLN B 40 4.93 -13.81 20.17
CA GLN B 40 4.81 -14.24 21.55
C GLN B 40 3.59 -15.12 21.66
N ARG B 41 3.79 -16.31 22.27
CA ARG B 41 2.68 -17.25 22.56
C ARG B 41 2.61 -17.60 24.05
N LYS B 42 1.57 -17.09 24.71
CA LYS B 42 1.29 -17.46 26.10
C LYS B 42 0.52 -18.77 26.11
N GLN B 43 0.60 -19.51 27.20
CA GLN B 43 -0.02 -20.84 27.26
C GLN B 43 -1.55 -20.79 27.05
N GLY B 44 -2.02 -21.62 26.12
CA GLY B 44 -3.43 -21.69 25.76
C GLY B 44 -3.90 -20.53 24.91
N LYS B 45 -2.99 -19.95 24.13
CA LYS B 45 -3.31 -18.74 23.36
C LYS B 45 -2.69 -18.81 21.98
N SER B 46 -3.29 -18.11 21.04
CA SER B 46 -2.67 -17.95 19.75
C SER B 46 -1.51 -16.95 19.90
N PRO B 47 -0.48 -17.11 19.09
CA PRO B 47 0.56 -16.15 19.06
C PRO B 47 0.14 -14.74 18.76
N GLN B 48 1.07 -13.83 19.04
CA GLN B 48 0.89 -12.42 18.78
C GLN B 48 2.18 -11.78 18.30
N LEU B 49 2.02 -10.96 17.27
CA LEU B 49 3.17 -10.29 16.71
C LEU B 49 3.80 -9.36 17.76
N LEU B 50 5.12 -9.48 17.82
CA LEU B 50 5.95 -8.71 18.71
C LEU B 50 6.82 -7.71 17.95
N ILE B 51 7.66 -8.21 17.03
CA ILE B 51 8.59 -7.39 16.23
C ILE B 51 8.43 -7.76 14.76
N TYR B 52 8.61 -6.78 13.88
CA TYR B 52 8.72 -7.10 12.45
C TYR B 52 9.91 -6.43 11.82
N GLY B 53 10.40 -7.03 10.75
CA GLY B 53 11.58 -6.51 10.10
C GLY B 53 12.73 -6.45 11.10
N ALA B 54 12.74 -7.35 12.07
CA ALA B 54 13.88 -7.52 12.97
C ALA B 54 14.02 -6.46 14.07
N ILE B 55 13.54 -5.23 13.81
CA ILE B 55 13.81 -4.08 14.64
C ILE B 55 12.62 -3.21 14.97
N ASN B 56 11.50 -3.42 14.30
CA ASN B 56 10.33 -2.57 14.43
C ASN B 56 9.34 -3.19 15.39
N LEU B 57 9.00 -2.46 16.44
CA LEU B 57 8.10 -2.95 17.47
C LEU B 57 6.63 -2.79 17.04
N ALA B 58 5.84 -3.82 17.35
CA ALA B 58 4.39 -3.85 17.08
C ALA B 58 3.66 -2.82 17.90
N ASP B 59 2.47 -2.42 17.43
CA ASP B 59 1.86 -1.22 17.99
C ASP B 59 1.42 -1.31 19.46
N ASP B 60 0.57 -2.26 19.77
CA ASP B 60 0.03 -2.28 21.12
C ASP B 60 0.87 -3.17 22.03
N LYS B 61 2.19 -3.14 21.84
CA LYS B 61 3.14 -3.94 22.62
C LYS B 61 4.14 -3.09 23.41
N SER B 62 4.54 -3.61 24.56
CA SER B 62 5.38 -2.90 25.51
C SER B 62 6.77 -2.63 24.93
N SER B 63 7.25 -1.40 25.09
CA SER B 63 8.62 -1.04 24.75
C SER B 63 9.70 -1.78 25.56
N ARG B 64 9.29 -2.50 26.62
CA ARG B 64 10.19 -3.42 27.32
C ARG B 64 10.83 -4.43 26.40
N PHE B 65 10.15 -4.71 25.29
CA PHE B 65 10.67 -5.56 24.22
C PHE B 65 11.48 -4.77 23.20
N SER B 66 12.67 -5.25 22.91
CA SER B 66 13.44 -4.65 21.82
C SER B 66 14.03 -5.74 20.92
N GLY B 67 13.85 -5.55 19.62
CA GLY B 67 14.43 -6.40 18.64
C GLY B 67 15.61 -5.72 18.02
N SER B 68 16.69 -6.48 17.87
CA SER B 68 17.90 -5.98 17.23
C SER B 68 18.49 -7.04 16.35
N GLY B 69 19.57 -6.66 15.65
CA GLY B 69 20.39 -7.58 14.87
C GLY B 69 20.51 -7.20 13.40
N SER B 70 21.43 -7.86 12.71
CA SER B 70 21.57 -7.76 11.25
C SER B 70 22.30 -9.01 10.73
N GLY B 71 22.16 -9.29 9.44
CA GLY B 71 22.91 -10.38 8.83
C GLY B 71 22.32 -11.71 9.22
N ARG B 72 23.13 -12.56 9.85
CA ARG B 72 22.76 -13.90 10.31
C ARG B 72 22.29 -13.95 11.78
N GLN B 73 22.65 -12.93 12.56
CA GLN B 73 22.46 -12.95 14.01
C GLN B 73 21.41 -11.96 14.50
N TYR B 74 20.45 -12.45 15.29
CA TYR B 74 19.43 -11.56 15.85
C TYR B 74 19.17 -11.84 17.32
N SER B 75 18.55 -10.86 17.97
CA SER B 75 18.26 -10.96 19.40
C SER B 75 17.01 -10.25 19.80
N LEU B 76 16.34 -10.83 20.77
CA LEU B 76 15.19 -10.17 21.37
C LEU B 76 15.55 -9.93 22.81
N LYS B 77 15.50 -8.68 23.26
CA LYS B 77 15.74 -8.37 24.66
C LYS B 77 14.44 -8.02 25.33
N ILE B 78 14.24 -8.63 26.50
CA ILE B 78 13.13 -8.28 27.39
C ILE B 78 13.71 -7.61 28.62
N SER B 79 13.39 -6.31 28.75
CA SER B 79 13.87 -5.47 29.84
C SER B 79 12.87 -5.44 30.97
N SER B 80 13.38 -5.49 32.20
CA SER B 80 12.57 -5.46 33.41
C SER B 80 11.40 -6.42 33.35
N LEU B 81 11.75 -7.68 33.58
CA LEU B 81 10.84 -8.79 33.39
C LEU B 81 9.54 -8.66 34.17
N HIS B 82 8.42 -8.79 33.47
CA HIS B 82 7.11 -8.82 34.08
C HIS B 82 6.50 -10.21 34.04
N PRO B 83 5.74 -10.58 35.11
CA PRO B 83 5.04 -11.87 35.13
C PRO B 83 4.15 -12.21 33.92
N ASP B 84 3.71 -11.22 33.16
CA ASP B 84 2.86 -11.43 31.98
C ASP B 84 3.69 -11.75 30.73
N ASP B 85 5.00 -11.56 30.80
CA ASP B 85 5.92 -11.97 29.72
C ASP B 85 6.14 -13.47 29.66
N VAL B 86 5.54 -14.23 30.55
CA VAL B 86 5.72 -15.68 30.53
C VAL B 86 5.10 -16.27 29.27
N ALA B 87 5.96 -16.80 28.40
CA ALA B 87 5.52 -17.32 27.14
C ALA B 87 6.66 -17.96 26.37
N THR B 88 6.32 -18.54 25.23
CA THR B 88 7.29 -18.98 24.26
C THR B 88 7.48 -17.85 23.23
N TYR B 89 8.74 -17.60 22.87
CA TYR B 89 9.05 -16.65 21.79
C TYR B 89 9.62 -17.36 20.54
N TYR B 90 9.12 -16.98 19.36
CA TYR B 90 9.52 -17.61 18.06
C TYR B 90 9.98 -16.59 17.07
N CYS B 91 11.15 -16.78 16.48
CA CYS B 91 11.63 -15.99 15.35
C CYS B 91 11.29 -16.66 14.04
N GLN B 92 11.07 -15.86 12.99
CA GLN B 92 10.72 -16.42 11.71
C GLN B 92 11.37 -15.70 10.57
N ASN B 93 11.96 -16.51 9.69
CA ASN B 93 12.52 -16.13 8.40
C ASN B 93 11.40 -15.78 7.45
N VAL B 94 11.28 -14.50 7.13
CA VAL B 94 10.31 -14.01 6.14
C VAL B 94 11.03 -13.48 4.90
N LEU B 95 12.28 -13.90 4.73
CA LEU B 95 13.01 -13.57 3.51
C LEU B 95 12.53 -14.40 2.30
N SER B 96 12.72 -15.71 2.34
CA SER B 96 12.29 -16.54 1.25
C SER B 96 11.72 -17.83 1.77
N THR B 97 10.83 -18.41 0.98
CA THR B 97 10.08 -19.58 1.35
C THR B 97 10.96 -20.82 1.26
N PRO B 98 10.71 -21.83 2.09
CA PRO B 98 9.69 -21.79 3.13
C PRO B 98 10.05 -20.80 4.26
N PHE B 99 9.01 -20.17 4.81
CA PHE B 99 9.17 -19.17 5.83
C PHE B 99 9.22 -19.87 7.15
N THR B 100 10.42 -20.32 7.48
CA THR B 100 10.62 -21.21 8.59
C THR B 100 10.62 -20.43 9.89
N PHE B 101 10.04 -21.04 10.93
CA PHE B 101 10.19 -20.57 12.31
C PHE B 101 11.35 -21.26 13.02
N GLY B 102 12.11 -20.52 13.83
CA GLY B 102 12.87 -21.13 14.90
C GLY B 102 11.94 -21.95 15.78
N SER B 103 12.48 -22.91 16.51
CA SER B 103 11.64 -23.78 17.33
C SER B 103 10.99 -23.10 18.52
N GLY B 104 11.56 -21.97 18.94
CA GLY B 104 11.00 -21.20 20.05
C GLY B 104 11.69 -21.34 21.41
N THR B 105 11.38 -20.41 22.29
CA THR B 105 12.13 -20.25 23.52
C THR B 105 11.16 -20.02 24.70
N LYS B 106 11.12 -20.94 25.65
CA LYS B 106 10.15 -20.85 26.74
C LYS B 106 10.72 -19.94 27.82
N LEU B 107 10.04 -18.82 28.06
CA LEU B 107 10.47 -17.90 29.09
C LEU B 107 9.61 -18.02 30.32
N GLU B 108 10.30 -18.30 31.43
CA GLU B 108 9.68 -18.62 32.70
C GLU B 108 10.16 -17.63 33.76
N ILE B 109 9.37 -17.45 34.81
CA ILE B 109 9.83 -16.70 36.00
C ILE B 109 10.18 -17.64 37.15
N LYS B 110 11.23 -17.30 37.90
CA LYS B 110 11.53 -17.96 39.19
C LYS B 110 10.89 -17.12 40.28
N GLU C 1 -13.26 -3.92 16.95
CA GLU C 1 -12.99 -5.31 17.38
C GLU C 1 -12.83 -6.20 16.16
N VAL C 2 -11.68 -6.86 16.11
CA VAL C 2 -11.40 -7.78 15.02
C VAL C 2 -11.58 -9.20 15.53
N GLN C 3 -12.29 -10.02 14.75
CA GLN C 3 -12.53 -11.40 15.13
C GLN C 3 -12.22 -12.43 14.05
N LEU C 4 -11.39 -13.40 14.45
CA LEU C 4 -11.11 -14.59 13.67
C LEU C 4 -11.53 -15.81 14.50
N VAL C 5 -12.23 -16.76 13.86
CA VAL C 5 -12.93 -17.87 14.54
C VAL C 5 -12.87 -19.18 13.72
N GLU C 6 -11.95 -20.06 14.08
CA GLU C 6 -11.81 -21.31 13.38
C GLU C 6 -12.85 -22.35 13.86
N SER C 7 -13.37 -23.16 12.94
CA SER C 7 -14.21 -24.31 13.29
C SER C 7 -13.86 -25.51 12.45
N GLY C 8 -14.53 -26.61 12.71
CA GLY C 8 -14.43 -27.81 11.85
C GLY C 8 -13.24 -28.73 12.11
N GLY C 9 -12.55 -28.53 13.24
CA GLY C 9 -11.50 -29.44 13.65
C GLY C 9 -12.12 -30.68 14.25
N GLY C 10 -11.26 -31.63 14.62
CA GLY C 10 -11.70 -32.89 15.21
C GLY C 10 -10.74 -34.03 14.93
N VAL C 11 -11.20 -35.25 15.18
CA VAL C 11 -10.34 -36.41 15.02
C VAL C 11 -10.73 -37.18 13.77
N VAL C 12 -9.69 -37.61 13.06
CA VAL C 12 -9.80 -38.30 11.78
C VAL C 12 -8.76 -39.42 11.68
N GLN C 13 -9.06 -40.35 10.78
CA GLN C 13 -8.21 -41.52 10.51
C GLN C 13 -7.11 -41.10 9.55
N PRO C 14 -5.93 -41.73 9.66
CA PRO C 14 -4.88 -41.50 8.67
C PRO C 14 -5.46 -41.60 7.28
N GLY C 15 -5.04 -40.71 6.38
CA GLY C 15 -5.52 -40.69 5.01
C GLY C 15 -6.82 -39.93 4.82
N GLY C 16 -7.48 -39.54 5.91
CA GLY C 16 -8.76 -38.88 5.81
C GLY C 16 -8.74 -37.49 5.19
N SER C 17 -9.90 -36.85 5.20
CA SER C 17 -10.04 -35.45 4.80
C SER C 17 -10.67 -34.59 5.91
N LEU C 18 -10.59 -33.28 5.73
CA LEU C 18 -11.15 -32.28 6.65
C LEU C 18 -11.27 -30.94 5.97
N LYS C 19 -12.18 -30.13 6.46
CA LYS C 19 -12.41 -28.81 5.89
C LYS C 19 -12.57 -27.90 7.06
N LEU C 20 -11.65 -26.94 7.17
CA LEU C 20 -11.72 -25.97 8.25
C LEU C 20 -12.30 -24.66 7.76
N SER C 21 -12.95 -23.94 8.66
CA SER C 21 -13.50 -22.63 8.38
C SER C 21 -12.83 -21.64 9.28
N CYS C 22 -12.92 -20.39 8.90
CA CYS C 22 -12.55 -19.30 9.74
C CYS C 22 -13.52 -18.15 9.41
N ALA C 23 -14.42 -17.86 10.35
CA ALA C 23 -15.30 -16.70 10.23
C ALA C 23 -14.56 -15.46 10.70
N ALA C 24 -14.58 -14.42 9.88
CA ALA C 24 -13.89 -13.17 10.17
C ALA C 24 -14.92 -12.10 10.21
N SER C 25 -14.74 -11.15 11.13
CA SER C 25 -15.58 -9.94 11.11
C SER C 25 -14.87 -8.78 11.81
N GLY C 26 -15.47 -7.60 11.72
CA GLY C 26 -14.90 -6.41 12.33
C GLY C 26 -13.65 -5.91 11.61
N PHE C 27 -13.51 -6.31 10.34
CA PHE C 27 -12.58 -5.68 9.40
C PHE C 27 -12.88 -6.04 7.95
N THR C 28 -12.25 -5.30 7.05
CA THR C 28 -12.50 -5.53 5.64
C THR C 28 -11.68 -6.74 5.17
N PHE C 29 -12.34 -7.89 5.21
CA PHE C 29 -11.77 -9.16 4.82
C PHE C 29 -11.28 -9.13 3.37
N SER C 30 -11.97 -8.41 2.49
CA SER C 30 -11.59 -8.35 1.07
C SER C 30 -10.31 -7.58 0.77
N THR C 31 -9.77 -6.87 1.77
CA THR C 31 -8.52 -6.09 1.61
C THR C 31 -7.29 -6.93 1.92
N TYR C 32 -7.44 -8.06 2.63
CA TYR C 32 -6.30 -8.74 3.25
C TYR C 32 -5.94 -10.16 2.77
N ASP C 33 -4.64 -10.44 2.76
CA ASP C 33 -4.12 -11.78 2.69
C ASP C 33 -4.24 -12.49 4.05
N MET C 34 -4.40 -13.81 4.00
CA MET C 34 -4.63 -14.59 5.21
C MET C 34 -3.62 -15.71 5.23
N SER C 35 -3.32 -16.20 6.42
CA SER C 35 -2.46 -17.33 6.59
C SER C 35 -3.08 -18.42 7.43
N TRP C 36 -2.65 -19.64 7.15
CA TRP C 36 -2.94 -20.80 7.96
C TRP C 36 -1.63 -21.26 8.52
N VAL C 37 -1.57 -21.29 9.84
CA VAL C 37 -0.40 -21.75 10.56
C VAL C 37 -0.79 -22.80 11.58
N ARG C 38 0.11 -23.71 11.88
CA ARG C 38 -0.20 -24.80 12.79
C ARG C 38 0.87 -24.99 13.82
N GLN C 39 0.51 -25.73 14.85
CA GLN C 39 1.33 -25.92 16.00
C GLN C 39 1.29 -27.36 16.43
N THR C 40 2.38 -28.02 16.19
CA THR C 40 2.53 -29.40 16.57
C THR C 40 2.63 -29.58 18.09
N PRO C 41 2.39 -30.81 18.62
CA PRO C 41 2.47 -31.07 20.07
C PRO C 41 3.78 -30.70 20.66
N ASP C 42 4.87 -30.87 19.88
CA ASP C 42 6.22 -30.42 20.26
C ASP C 42 6.40 -28.91 20.42
N LYS C 43 5.34 -28.16 20.15
CA LYS C 43 5.31 -26.72 20.27
C LYS C 43 6.04 -25.95 19.17
N ARG C 44 6.59 -26.66 18.16
CA ARG C 44 7.06 -26.04 16.93
C ARG C 44 5.87 -25.45 16.19
N LEU C 45 6.14 -24.49 15.34
CA LEU C 45 5.15 -23.82 14.55
C LEU C 45 5.56 -23.92 13.11
N GLU C 46 4.62 -23.73 12.19
CA GLU C 46 4.86 -24.01 10.77
C GLU C 46 3.78 -23.38 9.91
N LEU C 47 4.15 -22.42 9.07
CA LEU C 47 3.20 -21.83 8.14
C LEU C 47 2.80 -22.90 7.07
N VAL C 48 1.50 -23.14 6.88
CA VAL C 48 1.03 -24.17 5.94
C VAL C 48 0.24 -23.69 4.69
N ALA C 49 -0.19 -22.43 4.68
CA ALA C 49 -0.99 -21.88 3.59
C ALA C 49 -1.00 -20.37 3.62
N THR C 50 -0.75 -19.72 2.50
CA THR C 50 -1.10 -18.30 2.32
C THR C 50 -2.00 -18.06 1.09
N ILE C 51 -2.97 -17.16 1.25
CA ILE C 51 -3.96 -16.75 0.20
C ILE C 51 -4.17 -15.23 0.08
N ASN C 52 -4.25 -14.70 -1.13
CA ASN C 52 -4.29 -13.25 -1.31
C ASN C 52 -5.70 -12.69 -1.34
N SER C 53 -5.77 -11.37 -1.38
CA SER C 53 -6.98 -10.59 -1.16
C SER C 53 -8.19 -11.15 -1.86
N ASN C 54 -8.05 -11.37 -3.15
CA ASN C 54 -9.16 -11.80 -3.99
C ASN C 54 -9.18 -13.33 -4.21
N GLY C 55 -8.19 -14.03 -3.64
CA GLY C 55 -8.08 -15.48 -3.74
C GLY C 55 -7.35 -15.97 -4.99
N GLY C 56 -6.82 -15.07 -5.81
CA GLY C 56 -6.16 -15.45 -7.05
C GLY C 56 -4.72 -15.95 -7.00
N SER C 57 -4.07 -15.93 -5.83
CA SER C 57 -2.74 -16.54 -5.60
C SER C 57 -2.71 -17.36 -4.32
N THR C 58 -2.10 -18.53 -4.36
CA THR C 58 -1.96 -19.40 -3.19
C THR C 58 -0.55 -19.98 -3.13
N TYR C 59 -0.07 -20.25 -1.90
CA TYR C 59 1.26 -20.81 -1.65
C TYR C 59 1.19 -21.85 -0.56
N TYR C 60 1.93 -22.95 -0.74
CA TYR C 60 1.98 -24.06 0.19
C TYR C 60 3.42 -24.58 0.23
N PRO C 61 3.95 -24.80 1.46
CA PRO C 61 5.24 -25.48 1.61
C PRO C 61 5.21 -26.96 1.18
N ASP C 62 6.40 -27.52 0.93
CA ASP C 62 6.56 -28.90 0.46
C ASP C 62 5.91 -29.91 1.37
N SER C 63 5.87 -29.63 2.66
CA SER C 63 5.30 -30.57 3.61
C SER C 63 3.82 -30.86 3.43
N VAL C 64 3.10 -29.94 2.83
CA VAL C 64 1.66 -30.08 2.66
C VAL C 64 1.11 -29.85 1.24
N LYS C 65 2.02 -29.70 0.29
CA LYS C 65 1.67 -29.34 -1.08
C LYS C 65 0.93 -30.50 -1.75
N GLY C 66 -0.20 -30.18 -2.38
CA GLY C 66 -1.06 -31.18 -3.01
C GLY C 66 -2.16 -31.73 -2.13
N ARG C 67 -1.89 -31.86 -0.84
CA ARG C 67 -2.84 -32.39 0.17
C ARG C 67 -3.70 -31.29 0.78
N PHE C 68 -3.21 -30.05 0.74
CA PHE C 68 -3.89 -28.94 1.35
C PHE C 68 -4.33 -27.94 0.29
N THR C 69 -5.62 -27.64 0.27
CA THR C 69 -6.09 -26.54 -0.56
C THR C 69 -6.72 -25.43 0.25
N SER C 70 -6.32 -24.20 -0.06
CA SER C 70 -6.82 -23.02 0.59
C SER C 70 -7.68 -22.28 -0.40
N SER C 71 -8.78 -21.73 0.09
CA SER C 71 -9.71 -20.88 -0.67
C SER C 71 -10.47 -19.95 0.29
N ARG C 72 -11.04 -18.87 -0.24
CA ARG C 72 -11.81 -17.91 0.57
C ARG C 72 -13.18 -17.59 -0.05
N ASP C 73 -14.03 -16.98 0.75
CA ASP C 73 -15.29 -16.50 0.25
C ASP C 73 -15.46 -15.08 0.78
N ASN C 74 -15.17 -14.13 -0.08
CA ASN C 74 -15.18 -12.72 0.30
C ASN C 74 -16.59 -12.07 0.45
N ALA C 75 -17.64 -12.76 0.00
CA ALA C 75 -19.01 -12.26 0.21
C ALA C 75 -19.46 -12.46 1.64
N LYS C 76 -19.23 -13.65 2.15
CA LYS C 76 -19.67 -14.03 3.49
C LYS C 76 -18.56 -14.00 4.51
N ASN C 77 -17.36 -13.58 4.08
CA ASN C 77 -16.15 -13.49 4.95
C ASN C 77 -15.75 -14.82 5.63
N ILE C 78 -15.24 -15.77 4.85
CA ILE C 78 -14.71 -17.00 5.44
C ILE C 78 -13.48 -17.47 4.69
N LEU C 79 -12.59 -18.13 5.44
CA LEU C 79 -11.38 -18.70 4.96
C LEU C 79 -11.43 -20.20 5.24
N TYR C 80 -11.04 -20.99 4.24
CA TYR C 80 -11.16 -22.40 4.28
C TYR C 80 -9.81 -23.02 4.09
N LEU C 81 -9.60 -24.19 4.70
CA LEU C 81 -8.48 -25.01 4.33
C LEU C 81 -8.98 -26.44 4.24
N GLN C 82 -8.89 -27.00 3.05
CA GLN C 82 -9.27 -28.38 2.81
C GLN C 82 -8.03 -29.23 2.95
N MET C 83 -8.14 -30.30 3.72
CA MET C 83 -7.02 -31.16 3.94
C MET C 83 -7.45 -32.55 3.52
N SER C 84 -6.65 -33.21 2.71
CA SER C 84 -6.92 -34.57 2.34
C SER C 84 -5.58 -35.28 2.48
N SER C 85 -5.59 -36.60 2.42
CA SER C 85 -4.41 -37.45 2.66
C SER C 85 -3.69 -37.14 3.98
N LEU C 86 -4.48 -36.97 5.05
CA LEU C 86 -3.93 -36.46 6.31
C LEU C 86 -3.06 -37.47 7.01
N LYS C 87 -1.89 -37.03 7.50
CA LYS C 87 -0.93 -37.91 8.19
C LYS C 87 -0.75 -37.52 9.65
N SER C 88 -0.20 -38.44 10.41
CA SER C 88 -0.05 -38.26 11.83
C SER C 88 0.70 -36.99 12.17
N GLU C 89 1.68 -36.65 11.35
CA GLU C 89 2.44 -35.44 11.60
C GLU C 89 1.66 -34.17 11.23
N ASP C 90 0.36 -34.28 11.00
CA ASP C 90 -0.50 -33.13 10.79
C ASP C 90 -1.33 -32.82 12.00
N THR C 91 -1.18 -33.64 13.03
CA THR C 91 -1.84 -33.41 14.32
C THR C 91 -1.30 -32.09 14.87
N ALA C 92 -2.18 -31.10 15.02
CA ALA C 92 -1.75 -29.77 15.29
C ALA C 92 -2.91 -28.87 15.61
N MET C 93 -2.61 -27.78 16.30
CA MET C 93 -3.55 -26.70 16.46
C MET C 93 -3.41 -25.82 15.22
N TYR C 94 -4.51 -25.51 14.56
CA TYR C 94 -4.43 -24.72 13.35
C TYR C 94 -5.03 -23.36 13.59
N TYR C 95 -4.26 -22.33 13.23
CA TYR C 95 -4.70 -20.96 13.34
C TYR C 95 -5.02 -20.28 12.01
N CYS C 96 -5.97 -19.36 12.08
N CYS C 96 -6.03 -19.41 12.01
CA CYS C 96 -6.31 -18.46 10.98
CA CYS C 96 -6.26 -18.49 10.88
C CYS C 96 -5.71 -17.08 11.34
C CYS C 96 -5.74 -17.10 11.29
N ALA C 97 -4.79 -16.58 10.52
CA ALA C 97 -4.11 -15.31 10.83
C ALA C 97 -4.20 -14.34 9.69
N ARG C 98 -4.15 -13.05 10.03
CA ARG C 98 -4.28 -11.99 9.04
C ARG C 98 -2.91 -11.44 8.75
N GLU C 99 -2.72 -11.09 7.49
CA GLU C 99 -1.47 -10.48 7.10
C GLU C 99 -1.54 -8.98 7.34
N ALA C 100 -0.64 -8.50 8.18
CA ALA C 100 -0.56 -7.09 8.50
C ALA C 100 -0.30 -6.20 7.27
N LEU C 101 -0.71 -4.93 7.32
CA LEU C 101 -0.37 -3.94 6.28
C LEU C 101 0.75 -2.97 6.72
N LEU C 102 1.99 -3.16 6.29
CA LEU C 102 3.12 -2.47 6.93
C LEU C 102 4.04 -1.67 6.00
N ARG C 103 4.91 -0.87 6.63
CA ARG C 103 6.03 -0.19 5.98
C ARG C 103 7.26 -0.44 6.87
N PRO C 104 8.37 -0.86 6.29
CA PRO C 104 8.36 -1.47 4.98
C PRO C 104 7.45 -2.70 5.06
N ALA C 105 6.91 -3.11 3.91
CA ALA C 105 5.92 -4.21 3.84
C ALA C 105 6.50 -5.62 3.99
N TYR C 106 7.02 -5.92 5.16
CA TYR C 106 7.45 -7.27 5.53
C TYR C 106 6.22 -8.19 5.81
N TYR C 107 6.42 -9.51 5.68
CA TYR C 107 5.41 -10.51 6.09
C TYR C 107 5.31 -10.68 7.59
N ALA C 108 4.22 -10.18 8.13
CA ALA C 108 3.90 -10.43 9.52
C ALA C 108 2.39 -10.58 9.67
N LEU C 109 2.01 -11.36 10.68
CA LEU C 109 0.62 -11.65 11.01
C LEU C 109 0.23 -10.90 12.27
N ASP C 110 -0.61 -9.88 12.12
CA ASP C 110 -0.97 -9.03 13.26
C ASP C 110 -2.10 -9.59 14.12
N TYR C 111 -3.03 -10.32 13.51
CA TYR C 111 -4.11 -10.94 14.23
C TYR C 111 -4.18 -12.43 13.94
N TRP C 112 -4.43 -13.19 15.00
CA TRP C 112 -4.59 -14.64 14.96
C TRP C 112 -5.91 -14.99 15.58
N GLY C 113 -6.53 -16.03 15.06
CA GLY C 113 -7.65 -16.67 15.76
C GLY C 113 -7.13 -17.56 16.88
N GLN C 114 -8.04 -18.02 17.73
CA GLN C 114 -7.65 -18.85 18.86
C GLN C 114 -7.43 -20.35 18.52
N GLY C 115 -7.61 -20.69 17.24
CA GLY C 115 -7.26 -22.01 16.73
C GLY C 115 -8.35 -23.05 16.87
N THR C 116 -8.27 -24.10 16.05
CA THR C 116 -9.12 -25.28 16.17
C THR C 116 -8.23 -26.53 16.11
N SER C 117 -8.54 -27.47 17.01
CA SER C 117 -7.73 -28.65 17.28
C SER C 117 -7.93 -29.73 16.21
N VAL C 118 -6.82 -30.27 15.69
CA VAL C 118 -6.88 -31.37 14.72
C VAL C 118 -5.95 -32.51 15.10
N THR C 119 -6.49 -33.73 15.09
CA THR C 119 -5.74 -34.92 15.52
C THR C 119 -5.90 -36.04 14.51
N VAL C 120 -4.80 -36.80 14.31
CA VAL C 120 -4.71 -37.84 13.26
C VAL C 120 -4.22 -39.19 13.83
N SER C 121 -5.06 -40.23 13.71
CA SER C 121 -4.75 -41.66 14.02
C SER C 121 -5.87 -42.33 14.83
N SER C 122 -6.05 -43.65 14.60
CA SER C 122 -6.92 -44.55 15.41
C SER C 122 -8.33 -44.00 15.76
N GLY D 2 -32.11 -7.40 3.95
CA GLY D 2 -32.28 -7.92 2.58
C GLY D 2 -31.82 -6.89 1.56
N PRO D 3 -30.67 -7.14 0.90
CA PRO D 3 -29.99 -6.11 0.11
C PRO D 3 -30.64 -5.75 -1.23
N VAL D 4 -30.65 -4.46 -1.54
CA VAL D 4 -31.24 -3.93 -2.78
C VAL D 4 -30.36 -2.82 -3.36
N ILE D 5 -29.97 -2.97 -4.62
CA ILE D 5 -29.06 -2.01 -5.25
C ILE D 5 -29.90 -0.89 -5.84
N ARG D 6 -29.75 0.30 -5.24
CA ARG D 6 -30.50 1.46 -5.67
C ARG D 6 -29.99 1.95 -6.98
N GLN D 7 -28.68 2.19 -7.04
CA GLN D 7 -27.98 2.57 -8.27
C GLN D 7 -26.72 1.74 -8.44
N GLY D 8 -26.65 1.04 -9.57
CA GLY D 8 -25.53 0.19 -9.87
C GLY D 8 -24.49 0.95 -10.62
N PRO D 9 -23.49 0.24 -11.16
CA PRO D 9 -22.55 0.86 -12.08
C PRO D 9 -23.27 1.27 -13.35
N VAL D 10 -22.70 2.23 -14.08
CA VAL D 10 -23.24 2.63 -15.39
C VAL D 10 -22.26 2.38 -16.55
N ASN D 11 -22.82 2.19 -17.74
CA ASN D 11 -22.01 2.03 -18.96
C ASN D 11 -21.27 3.32 -19.25
N GLN D 12 -20.00 3.16 -19.62
CA GLN D 12 -19.11 4.28 -19.83
C GLN D 12 -18.16 4.01 -20.98
N THR D 13 -17.71 5.09 -21.61
CA THR D 13 -16.57 5.10 -22.50
C THR D 13 -15.49 5.98 -21.85
N VAL D 14 -14.28 5.47 -21.66
CA VAL D 14 -13.20 6.25 -21.01
C VAL D 14 -11.95 6.31 -21.88
N ALA D 15 -11.12 7.31 -21.61
CA ALA D 15 -9.84 7.50 -22.29
C ALA D 15 -8.76 6.60 -21.70
N VAL D 16 -7.75 6.29 -22.51
CA VAL D 16 -6.51 5.62 -22.05
C VAL D 16 -5.69 6.57 -21.16
N ASP D 17 -5.40 6.09 -19.93
CA ASP D 17 -4.59 6.78 -18.88
C ASP D 17 -5.46 7.50 -17.87
N GLY D 18 -6.77 7.50 -18.10
CA GLY D 18 -7.67 8.24 -17.24
C GLY D 18 -8.01 7.49 -15.97
N THR D 19 -8.56 8.22 -15.04
CA THR D 19 -9.12 7.63 -13.87
C THR D 19 -10.64 7.62 -14.07
N PHE D 20 -11.22 6.45 -13.80
CA PHE D 20 -12.66 6.35 -13.76
C PHE D 20 -13.02 5.53 -12.55
N VAL D 21 -14.31 5.51 -12.27
CA VAL D 21 -14.84 4.78 -11.15
C VAL D 21 -16.08 4.04 -11.57
N LEU D 22 -16.47 3.11 -10.72
CA LEU D 22 -17.79 2.52 -10.75
C LEU D 22 -18.33 2.74 -9.36
N SER D 23 -19.59 3.11 -9.30
CA SER D 23 -20.31 3.24 -8.04
C SER D 23 -21.30 2.09 -7.85
N CYS D 24 -21.59 1.74 -6.60
CA CYS D 24 -22.68 0.79 -6.31
C CYS D 24 -23.41 1.13 -5.03
N VAL D 25 -24.50 1.89 -5.16
CA VAL D 25 -25.25 2.40 -4.02
C VAL D 25 -26.21 1.28 -3.50
N ALA D 26 -25.96 0.85 -2.28
CA ALA D 26 -26.59 -0.34 -1.74
C ALA D 26 -27.21 -0.11 -0.35
N THR D 27 -28.44 -0.62 -0.19
CA THR D 27 -29.11 -0.57 1.10
C THR D 27 -29.41 -1.96 1.60
N GLY D 28 -29.62 -2.04 2.90
CA GLY D 28 -30.12 -3.24 3.56
C GLY D 28 -29.95 -3.13 5.04
N SER D 29 -30.06 -4.24 5.74
CA SER D 29 -29.59 -4.31 7.11
C SER D 29 -29.27 -5.76 7.41
N PRO D 30 -28.05 -6.05 7.83
CA PRO D 30 -27.03 -5.03 8.05
C PRO D 30 -26.50 -4.45 6.76
N VAL D 31 -25.74 -3.36 6.92
CA VAL D 31 -25.17 -2.62 5.81
C VAL D 31 -24.41 -3.60 4.89
N PRO D 32 -24.75 -3.59 3.59
CA PRO D 32 -24.18 -4.60 2.71
C PRO D 32 -22.69 -4.38 2.40
N THR D 33 -21.91 -5.45 2.45
CA THR D 33 -20.57 -5.36 1.92
C THR D 33 -20.67 -5.44 0.39
N ILE D 34 -19.94 -4.58 -0.32
CA ILE D 34 -19.83 -4.66 -1.79
C ILE D 34 -18.53 -5.35 -2.20
N LEU D 35 -18.65 -6.23 -3.19
CA LEU D 35 -17.48 -6.79 -3.86
C LEU D 35 -17.53 -6.38 -5.34
N TRP D 36 -16.37 -6.46 -6.00
CA TRP D 36 -16.32 -6.23 -7.43
C TRP D 36 -15.73 -7.40 -8.19
N ARG D 37 -16.41 -7.77 -9.29
CA ARG D 37 -15.92 -8.68 -10.30
C ARG D 37 -15.71 -7.95 -11.61
N LYS D 38 -14.74 -8.40 -12.38
CA LYS D 38 -14.50 -7.90 -13.74
C LYS D 38 -14.34 -9.10 -14.65
N ASP D 39 -15.20 -9.16 -15.66
CA ASP D 39 -15.29 -10.31 -16.55
C ASP D 39 -15.35 -11.63 -15.77
N GLY D 40 -16.21 -11.65 -14.76
CA GLY D 40 -16.44 -12.84 -13.94
C GLY D 40 -15.46 -13.09 -12.80
N VAL D 41 -14.35 -12.35 -12.74
CA VAL D 41 -13.30 -12.61 -11.76
C VAL D 41 -13.23 -11.50 -10.76
N LEU D 42 -13.00 -11.91 -9.52
CA LEU D 42 -12.87 -11.01 -8.39
C LEU D 42 -11.69 -10.07 -8.59
N VAL D 43 -12.00 -8.78 -8.51
CA VAL D 43 -11.07 -7.72 -8.83
C VAL D 43 -9.93 -7.62 -7.81
N SER D 44 -8.72 -7.38 -8.30
CA SER D 44 -7.50 -7.34 -7.48
C SER D 44 -7.12 -5.92 -7.06
N THR D 45 -7.79 -5.48 -6.02
CA THR D 45 -7.53 -4.19 -5.41
C THR D 45 -6.06 -4.03 -5.05
N GLN D 46 -5.37 -5.17 -4.93
CA GLN D 46 -3.96 -5.10 -4.58
C GLN D 46 -3.05 -4.53 -5.67
N ASP D 47 -3.35 -4.76 -6.95
CA ASP D 47 -2.62 -4.01 -7.96
C ASP D 47 -2.93 -2.57 -7.67
N SER D 48 -1.90 -1.76 -7.50
CA SER D 48 -2.08 -0.39 -7.01
C SER D 48 -2.56 0.66 -8.06
N ARG D 49 -3.03 0.20 -9.22
CA ARG D 49 -3.90 1.02 -10.10
C ARG D 49 -5.32 1.04 -9.58
N ILE D 50 -5.74 -0.10 -9.05
CA ILE D 50 -7.12 -0.37 -8.71
C ILE D 50 -7.35 -0.15 -7.22
N LYS D 51 -8.37 0.61 -6.88
CA LYS D 51 -8.65 0.97 -5.49
C LYS D 51 -10.12 0.89 -5.11
N GLN D 52 -10.40 0.22 -3.99
CA GLN D 52 -11.70 0.25 -3.33
C GLN D 52 -11.71 1.45 -2.40
N LEU D 53 -12.50 2.45 -2.74
CA LEU D 53 -12.64 3.68 -1.94
C LEU D 53 -13.93 3.60 -1.11
N GLU D 54 -14.22 4.64 -0.34
CA GLU D 54 -15.42 4.67 0.50
C GLU D 54 -16.70 4.88 -0.31
N ASN D 55 -17.82 4.70 0.36
CA ASN D 55 -19.14 4.84 -0.24
C ASN D 55 -19.34 3.94 -1.45
N GLY D 56 -18.78 2.73 -1.38
CA GLY D 56 -18.95 1.69 -2.41
C GLY D 56 -18.49 2.08 -3.82
N VAL D 57 -17.34 2.74 -3.89
CA VAL D 57 -16.71 3.10 -5.16
C VAL D 57 -15.53 2.22 -5.46
N LEU D 58 -15.42 1.81 -6.73
CA LEU D 58 -14.19 1.23 -7.26
C LEU D 58 -13.48 2.19 -8.22
N GLN D 59 -12.20 2.46 -7.96
CA GLN D 59 -11.44 3.42 -8.78
C GLN D 59 -10.28 2.78 -9.48
N ILE D 60 -10.14 3.10 -10.76
CA ILE D 60 -9.11 2.55 -11.63
C ILE D 60 -8.31 3.67 -12.28
N ARG D 61 -7.06 3.80 -11.84
CA ARG D 61 -6.16 4.87 -12.25
C ARG D 61 -5.40 4.37 -13.47
N TYR D 62 -4.92 5.31 -14.30
CA TYR D 62 -4.06 5.01 -15.46
C TYR D 62 -4.67 3.91 -16.36
N ALA D 63 -5.89 4.18 -16.80
CA ALA D 63 -6.67 3.27 -17.57
C ALA D 63 -5.94 2.67 -18.81
N LYS D 64 -6.14 1.36 -19.01
CA LYS D 64 -5.52 0.56 -20.07
C LYS D 64 -6.61 -0.08 -20.89
N LEU D 65 -6.30 -0.40 -22.14
CA LEU D 65 -7.26 -1.09 -23.02
C LEU D 65 -7.83 -2.36 -22.39
N GLY D 66 -6.97 -3.16 -21.76
CA GLY D 66 -7.37 -4.35 -21.01
C GLY D 66 -8.47 -4.13 -19.98
N ASP D 67 -8.74 -2.88 -19.62
CA ASP D 67 -9.75 -2.56 -18.63
C ASP D 67 -11.13 -2.48 -19.20
N THR D 68 -11.26 -2.61 -20.52
CA THR D 68 -12.55 -2.75 -21.15
C THR D 68 -13.14 -4.08 -20.71
N GLY D 69 -14.45 -4.06 -20.43
CA GLY D 69 -15.14 -5.30 -20.02
C GLY D 69 -16.37 -5.14 -19.15
N ARG D 70 -16.87 -6.28 -18.67
CA ARG D 70 -18.05 -6.30 -17.83
C ARG D 70 -17.59 -6.25 -16.38
N TYR D 71 -17.87 -5.14 -15.73
CA TYR D 71 -17.69 -5.02 -14.29
C TYR D 71 -19.02 -5.27 -13.59
N THR D 72 -19.00 -6.17 -12.62
CA THR D 72 -20.19 -6.47 -11.81
C THR D 72 -19.99 -6.06 -10.37
N CYS D 73 -21.07 -5.53 -9.80
CA CYS D 73 -21.11 -5.19 -8.40
C CYS D 73 -21.87 -6.26 -7.62
N ILE D 74 -21.30 -6.74 -6.53
CA ILE D 74 -22.06 -7.63 -5.62
C ILE D 74 -22.23 -6.99 -4.26
N ALA D 75 -23.48 -6.91 -3.80
CA ALA D 75 -23.83 -6.40 -2.49
C ALA D 75 -24.29 -7.58 -1.66
N SER D 76 -23.69 -7.78 -0.49
CA SER D 76 -23.92 -9.01 0.29
C SER D 76 -24.34 -8.76 1.72
N THR D 77 -25.15 -9.70 2.21
CA THR D 77 -25.72 -9.68 3.57
C THR D 77 -25.85 -11.15 3.97
N PRO D 78 -25.78 -11.44 5.28
CA PRO D 78 -26.14 -12.78 5.71
C PRO D 78 -27.44 -13.30 5.08
N SER D 79 -28.45 -12.44 4.96
CA SER D 79 -29.72 -12.73 4.26
C SER D 79 -29.54 -13.20 2.83
N GLY D 80 -28.85 -12.40 2.03
CA GLY D 80 -28.62 -12.73 0.62
C GLY D 80 -27.72 -11.73 -0.11
N GLU D 81 -27.77 -11.79 -1.43
CA GLU D 81 -26.92 -10.92 -2.26
C GLU D 81 -27.67 -10.30 -3.44
N ALA D 82 -27.11 -9.23 -3.98
CA ALA D 82 -27.64 -8.62 -5.19
C ALA D 82 -26.51 -8.27 -6.17
N THR D 83 -26.90 -8.23 -7.45
CA THR D 83 -25.98 -8.10 -8.56
C THR D 83 -26.45 -6.94 -9.42
N TRP D 84 -25.50 -6.13 -9.86
CA TRP D 84 -25.74 -5.14 -10.89
C TRP D 84 -24.45 -5.01 -11.69
N SER D 85 -24.56 -5.10 -13.01
CA SER D 85 -23.37 -5.00 -13.86
C SER D 85 -23.55 -4.02 -14.99
N ALA D 86 -22.42 -3.63 -15.56
CA ALA D 86 -22.32 -2.58 -16.60
C ALA D 86 -21.04 -2.80 -17.41
N TYR D 87 -21.00 -2.24 -18.60
CA TYR D 87 -19.89 -2.45 -19.52
C TYR D 87 -19.08 -1.17 -19.73
N ILE D 88 -17.77 -1.31 -19.54
CA ILE D 88 -16.84 -0.20 -19.68
C ILE D 88 -16.00 -0.39 -20.94
N GLU D 89 -15.86 0.65 -21.74
CA GLU D 89 -15.04 0.60 -22.95
C GLU D 89 -13.93 1.64 -22.86
N VAL D 90 -12.70 1.15 -22.70
CA VAL D 90 -11.50 2.00 -22.73
C VAL D 90 -11.09 2.15 -24.19
N GLN D 91 -10.87 3.37 -24.66
CA GLN D 91 -10.36 3.57 -26.02
C GLN D 91 -9.25 4.63 -26.06
N ILE E 2 -15.89 18.03 -22.28
CA ILE E 2 -15.95 19.22 -21.40
C ILE E 2 -17.31 19.75 -20.80
N LEU E 3 -18.46 19.05 -20.77
CA LEU E 3 -18.70 17.59 -20.67
C LEU E 3 -18.06 16.82 -19.49
N ASP E 4 -17.18 17.46 -18.70
CA ASP E 4 -16.49 16.90 -17.48
C ASP E 4 -17.17 17.35 -16.18
N ILE E 5 -16.52 17.09 -15.04
CA ILE E 5 -17.08 17.34 -13.69
C ILE E 5 -16.79 18.73 -13.16
N GLN E 6 -17.81 19.57 -13.11
CA GLN E 6 -17.62 20.96 -12.68
C GLN E 6 -17.54 21.05 -11.16
N MET E 7 -16.64 21.90 -10.68
CA MET E 7 -16.52 22.23 -9.25
C MET E 7 -16.71 23.72 -9.04
N THR E 8 -17.79 24.12 -8.39
CA THR E 8 -18.00 25.56 -8.06
C THR E 8 -17.94 25.80 -6.55
N GLN E 9 -17.22 26.83 -6.15
CA GLN E 9 -17.04 27.17 -4.75
C GLN E 9 -17.70 28.47 -4.34
N SER E 10 -18.53 28.41 -3.32
CA SER E 10 -19.05 29.66 -2.79
C SER E 10 -18.44 29.99 -1.43
N PRO E 11 -18.09 31.27 -1.18
CA PRO E 11 -18.12 32.45 -2.12
C PRO E 11 -16.86 32.57 -2.95
N ALA E 12 -16.77 33.59 -3.78
CA ALA E 12 -15.54 33.91 -4.48
C ALA E 12 -14.49 34.42 -3.49
N SER E 13 -14.88 35.36 -2.64
CA SER E 13 -14.03 35.79 -1.52
C SER E 13 -14.84 36.22 -0.33
N LEU E 14 -14.17 36.38 0.81
CA LEU E 14 -14.78 36.95 2.03
C LEU E 14 -13.75 37.38 3.09
N SER E 15 -14.01 38.49 3.78
CA SER E 15 -13.23 38.90 4.96
C SER E 15 -14.04 38.75 6.23
N ALA E 16 -13.40 38.22 7.25
CA ALA E 16 -14.03 37.99 8.52
C ALA E 16 -13.09 38.40 9.61
N SER E 17 -13.52 38.21 10.85
CA SER E 17 -12.78 38.71 11.98
C SER E 17 -12.19 37.56 12.77
N VAL E 18 -11.10 37.89 13.43
CA VAL E 18 -10.37 36.93 14.25
C VAL E 18 -11.33 36.30 15.26
N GLY E 19 -11.29 34.96 15.33
CA GLY E 19 -12.03 34.20 16.35
C GLY E 19 -13.39 33.74 15.87
N GLU E 20 -13.79 34.25 14.71
CA GLU E 20 -15.04 33.85 14.12
C GLU E 20 -14.90 32.46 13.48
N THR E 21 -16.03 31.83 13.18
CA THR E 21 -16.03 30.55 12.48
C THR E 21 -16.61 30.86 11.13
N VAL E 22 -16.05 30.19 10.11
CA VAL E 22 -16.35 30.56 8.73
C VAL E 22 -16.63 29.31 7.92
N THR E 23 -17.70 29.34 7.10
CA THR E 23 -18.03 28.21 6.20
C THR E 23 -17.80 28.49 4.71
N ILE E 24 -17.00 27.63 4.09
CA ILE E 24 -16.77 27.69 2.64
C ILE E 24 -17.35 26.44 2.01
N THR E 25 -18.17 26.62 0.97
CA THR E 25 -18.80 25.50 0.30
C THR E 25 -18.18 25.19 -1.05
N CYS E 26 -18.34 23.94 -1.47
CA CYS E 26 -17.93 23.43 -2.77
C CYS E 26 -18.97 22.47 -3.28
N GLY E 27 -19.47 22.76 -4.48
CA GLY E 27 -20.50 21.96 -5.14
C GLY E 27 -20.06 21.30 -6.45
N ALA E 28 -20.38 20.00 -6.60
CA ALA E 28 -20.03 19.25 -7.82
C ALA E 28 -21.22 19.07 -8.75
N SER E 29 -21.00 19.21 -10.05
CA SER E 29 -22.06 18.96 -11.03
C SER E 29 -22.65 17.56 -10.94
N GLU E 30 -21.96 16.66 -10.25
CA GLU E 30 -22.51 15.37 -9.87
C GLU E 30 -21.99 14.81 -8.57
N ASN E 31 -22.56 13.68 -8.17
CA ASN E 31 -22.13 12.94 -6.99
C ASN E 31 -20.68 12.48 -7.18
N ILE E 32 -19.83 12.90 -6.24
CA ILE E 32 -18.44 12.53 -6.26
C ILE E 32 -18.02 11.71 -5.03
N TYR E 33 -19.01 11.18 -4.30
CA TYR E 33 -18.80 10.02 -3.42
C TYR E 33 -17.73 10.20 -2.35
N GLY E 34 -17.52 11.44 -1.94
CA GLY E 34 -16.46 11.80 -1.02
C GLY E 34 -15.06 11.84 -1.58
N ALA E 35 -14.93 11.72 -2.88
CA ALA E 35 -13.63 11.74 -3.48
C ALA E 35 -13.24 13.22 -3.77
N LEU E 36 -12.97 13.94 -2.70
CA LEU E 36 -12.69 15.39 -2.74
C LEU E 36 -11.54 15.79 -1.82
N THR E 37 -10.69 16.68 -2.30
CA THR E 37 -9.53 17.14 -1.50
C THR E 37 -9.57 18.65 -1.31
N TRP E 38 -9.09 19.10 -0.16
CA TRP E 38 -8.93 20.55 0.08
C TRP E 38 -7.46 20.94 0.17
N TYR E 39 -7.15 22.10 -0.40
CA TYR E 39 -5.82 22.69 -0.33
C TYR E 39 -5.83 24.13 0.22
N GLN E 40 -4.72 24.54 0.82
CA GLN E 40 -4.55 25.91 1.24
C GLN E 40 -3.38 26.55 0.51
N ARG E 41 -3.54 27.79 0.08
CA ARG E 41 -2.47 28.53 -0.61
C ARG E 41 -2.34 29.94 -0.07
N LYS E 42 -1.32 30.15 0.77
CA LYS E 42 -1.04 31.49 1.28
C LYS E 42 -0.35 32.27 0.17
N GLN E 43 -0.40 33.60 0.25
CA GLN E 43 0.19 34.45 -0.80
C GLN E 43 1.66 34.14 -1.04
N GLY E 44 2.01 33.95 -2.32
CA GLY E 44 3.39 33.66 -2.71
C GLY E 44 3.95 32.31 -2.34
N LYS E 45 3.08 31.31 -2.14
CA LYS E 45 3.50 30.00 -1.65
C LYS E 45 2.82 28.93 -2.45
N SER E 46 3.47 27.77 -2.51
CA SER E 46 2.83 26.61 -3.10
C SER E 46 1.73 26.16 -2.17
N PRO E 47 0.68 25.52 -2.72
CA PRO E 47 -0.39 24.99 -1.91
C PRO E 47 0.03 23.84 -1.02
N GLN E 48 -0.78 23.62 -0.01
CA GLN E 48 -0.54 22.60 0.97
C GLN E 48 -1.81 21.85 1.28
N LEU E 49 -1.67 20.55 1.49
CA LEU E 49 -2.85 19.71 1.65
C LEU E 49 -3.53 19.97 2.97
N LEU E 50 -4.83 20.11 2.91
CA LEU E 50 -5.65 20.34 4.05
C LEU E 50 -6.45 19.11 4.48
N ILE E 51 -7.32 18.65 3.58
CA ILE E 51 -8.30 17.60 3.81
C ILE E 51 -8.12 16.60 2.68
N TYR E 52 -8.36 15.33 2.94
CA TYR E 52 -8.46 14.38 1.84
C TYR E 52 -9.62 13.47 2.02
N GLY E 53 -10.15 12.96 0.92
CA GLY E 53 -11.31 12.09 0.97
C GLY E 53 -12.48 12.81 1.60
N ALA E 54 -12.47 14.13 1.46
CA ALA E 54 -13.58 14.97 1.85
C ALA E 54 -13.71 15.23 3.35
N ILE E 55 -13.20 14.32 4.17
CA ILE E 55 -13.43 14.32 5.61
C ILE E 55 -12.25 14.04 6.51
N ASN E 56 -11.08 13.78 5.93
CA ASN E 56 -9.91 13.32 6.70
C ASN E 56 -8.87 14.43 6.73
N LEU E 57 -8.53 14.87 7.94
CA LEU E 57 -7.61 15.96 8.11
C LEU E 57 -6.16 15.51 7.95
N ALA E 58 -5.39 16.35 7.28
CA ALA E 58 -3.97 16.16 7.11
C ALA E 58 -3.21 16.23 8.41
N ASP E 59 -2.02 15.67 8.39
CA ASP E 59 -1.37 15.32 9.64
C ASP E 59 -0.82 16.51 10.46
N ASP E 60 0.01 17.35 9.88
CA ASP E 60 0.53 18.50 10.67
C ASP E 60 -0.30 19.77 10.51
N LYS E 61 -1.62 19.59 10.52
CA LYS E 61 -2.58 20.66 10.26
C LYS E 61 -3.56 20.88 11.43
N SER E 62 -3.94 22.13 11.63
CA SER E 62 -4.75 22.53 12.75
C SER E 62 -6.13 21.88 12.69
N SER E 63 -6.54 21.35 13.84
CA SER E 63 -7.90 20.82 14.04
C SER E 63 -9.00 21.90 13.95
N ARG E 64 -8.60 23.17 13.96
CA ARG E 64 -9.51 24.25 13.69
C ARG E 64 -10.18 24.06 12.34
N PHE E 65 -9.52 23.31 11.46
CA PHE E 65 -10.05 23.02 10.14
C PHE E 65 -10.85 21.76 10.15
N SER E 66 -12.00 21.77 9.50
CA SER E 66 -12.76 20.55 9.31
C SER E 66 -13.47 20.47 7.98
N GLY E 67 -13.39 19.27 7.40
CA GLY E 67 -14.02 18.96 6.16
C GLY E 67 -15.18 18.02 6.39
N SER E 68 -16.26 18.30 5.68
CA SER E 68 -17.46 17.54 5.79
C SER E 68 -18.22 17.54 4.47
N GLY E 69 -19.24 16.69 4.39
CA GLY E 69 -20.16 16.66 3.23
C GLY E 69 -20.24 15.30 2.58
N SER E 70 -21.16 15.16 1.64
CA SER E 70 -21.40 13.89 0.94
C SER E 70 -22.18 14.14 -0.33
N GLY E 71 -22.01 13.28 -1.33
CA GLY E 71 -22.79 13.37 -2.54
C GLY E 71 -22.25 14.47 -3.44
N ARG E 72 -23.11 15.46 -3.76
CA ARG E 72 -22.73 16.69 -4.51
C ARG E 72 -22.20 17.88 -3.65
N GLN E 73 -22.44 17.81 -2.34
CA GLN E 73 -22.31 18.96 -1.47
C GLN E 73 -21.29 18.85 -0.37
N TYR E 74 -20.40 19.82 -0.33
CA TYR E 74 -19.24 19.78 0.56
C TYR E 74 -18.88 21.19 1.11
N SER E 75 -18.21 21.14 2.26
CA SER E 75 -17.95 22.32 3.05
C SER E 75 -16.68 22.15 3.80
N LEU E 76 -15.96 23.26 3.94
CA LEU E 76 -14.81 23.38 4.81
C LEU E 76 -15.12 24.48 5.85
N LYS E 77 -14.91 24.17 7.12
CA LYS E 77 -15.11 25.14 8.16
C LYS E 77 -13.81 25.52 8.75
N ILE E 78 -13.65 26.81 8.97
CA ILE E 78 -12.54 27.32 9.73
C ILE E 78 -13.07 27.95 11.00
N SER E 79 -12.80 27.27 12.11
CA SER E 79 -13.26 27.67 13.43
C SER E 79 -12.25 28.54 14.11
N SER E 80 -12.73 29.60 14.76
CA SER E 80 -11.85 30.53 15.51
C SER E 80 -10.71 30.99 14.64
N LEU E 81 -11.09 31.92 13.77
CA LEU E 81 -10.25 32.32 12.68
C LEU E 81 -8.95 32.83 13.24
N HIS E 82 -7.86 32.35 12.66
CA HIS E 82 -6.54 32.89 12.92
C HIS E 82 -5.96 33.66 11.71
N PRO E 83 -5.08 34.65 11.96
CA PRO E 83 -4.31 35.39 10.97
C PRO E 83 -3.56 34.54 9.95
N ASP E 84 -3.21 33.32 10.33
CA ASP E 84 -2.43 32.42 9.50
C ASP E 84 -3.32 31.71 8.54
N ASP E 85 -4.63 31.77 8.73
CA ASP E 85 -5.52 31.12 7.81
C ASP E 85 -5.67 31.93 6.54
N VAL E 86 -5.21 33.17 6.54
CA VAL E 86 -5.30 33.98 5.34
C VAL E 86 -4.66 33.31 4.10
N ALA E 87 -5.52 32.90 3.18
CA ALA E 87 -5.12 32.13 2.02
C ALA E 87 -6.29 31.93 1.11
N THR E 88 -5.97 31.40 -0.06
CA THR E 88 -6.98 30.90 -0.97
C THR E 88 -7.16 29.42 -0.65
N TYR E 89 -8.41 28.98 -0.63
CA TYR E 89 -8.72 27.58 -0.44
C TYR E 89 -9.43 27.01 -1.66
N TYR E 90 -8.98 25.82 -2.08
CA TYR E 90 -9.52 25.14 -3.27
C TYR E 90 -9.99 23.71 -2.98
N CYS E 91 -11.21 23.37 -3.40
CA CYS E 91 -11.61 21.96 -3.47
C CYS E 91 -11.15 21.32 -4.77
N GLN E 92 -11.06 19.99 -4.78
CA GLN E 92 -10.66 19.24 -5.97
C GLN E 92 -11.33 17.87 -6.11
N ASN E 93 -12.01 17.68 -7.24
CA ASN E 93 -12.47 16.36 -7.68
C ASN E 93 -11.30 15.35 -7.87
N VAL E 94 -11.28 14.29 -7.05
CA VAL E 94 -10.34 13.15 -7.23
C VAL E 94 -11.11 11.85 -7.50
N LEU E 95 -12.35 12.02 -7.94
CA LEU E 95 -13.12 10.88 -8.43
C LEU E 95 -12.66 10.41 -9.83
N SER E 96 -12.89 11.23 -10.86
CA SER E 96 -12.50 10.84 -12.20
C SER E 96 -11.86 12.00 -12.95
N THR E 97 -10.99 11.67 -13.87
CA THR E 97 -10.30 12.67 -14.65
C THR E 97 -11.27 13.32 -15.65
N PRO E 98 -11.03 14.59 -16.01
CA PRO E 98 -9.92 15.40 -15.46
C PRO E 98 -10.17 15.74 -13.98
N PHE E 99 -9.13 15.72 -13.17
CA PHE E 99 -9.23 16.00 -11.74
C PHE E 99 -9.35 17.49 -11.53
N THR E 100 -10.56 17.99 -11.71
CA THR E 100 -10.85 19.39 -11.70
C THR E 100 -10.82 20.09 -10.33
N PHE E 101 -10.17 21.25 -10.27
CA PHE E 101 -10.14 22.08 -9.07
C PHE E 101 -11.22 23.12 -9.20
N GLY E 102 -11.92 23.37 -8.10
CA GLY E 102 -12.75 24.52 -7.96
C GLY E 102 -11.87 25.75 -8.01
N SER E 103 -12.50 26.88 -8.30
CA SER E 103 -11.76 28.09 -8.63
C SER E 103 -11.12 28.72 -7.42
N GLY E 104 -11.53 28.28 -6.23
CA GLY E 104 -10.93 28.70 -4.98
C GLY E 104 -11.65 29.85 -4.32
N THR E 105 -11.28 30.14 -3.08
CA THR E 105 -11.97 31.14 -2.27
C THR E 105 -10.91 31.92 -1.50
N LYS E 106 -10.76 33.23 -1.78
CA LYS E 106 -9.78 34.03 -1.03
C LYS E 106 -10.33 34.40 0.33
N LEU E 107 -9.63 33.97 1.37
CA LEU E 107 -10.02 34.29 2.72
C LEU E 107 -9.16 35.40 3.26
N GLU E 108 -9.81 36.45 3.72
CA GLU E 108 -9.09 37.59 4.23
C GLU E 108 -9.49 37.78 5.65
N ILE E 109 -8.71 38.58 6.35
CA ILE E 109 -8.92 38.79 7.77
C ILE E 109 -8.82 40.27 8.11
N LYS E 110 -9.85 40.78 8.76
CA LYS E 110 -9.98 42.24 9.03
C LYS E 110 -11.08 42.53 10.03
N GLU F 1 14.29 15.41 5.69
CA GLU F 1 13.55 16.62 5.25
C GLU F 1 13.35 16.62 3.72
N VAL F 2 12.12 16.34 3.34
CA VAL F 2 11.70 16.44 1.96
C VAL F 2 12.14 17.75 1.33
N GLN F 3 12.67 17.71 0.12
CA GLN F 3 12.87 18.93 -0.64
C GLN F 3 12.70 18.76 -2.16
N LEU F 4 11.66 19.43 -2.67
CA LEU F 4 11.38 19.51 -4.10
C LEU F 4 11.78 20.90 -4.61
N VAL F 5 12.46 20.93 -5.75
CA VAL F 5 13.05 22.16 -6.32
C VAL F 5 12.93 22.21 -7.86
N GLU F 6 12.00 23.02 -8.36
CA GLU F 6 11.79 23.17 -9.77
C GLU F 6 12.77 24.15 -10.36
N SER F 7 13.23 23.90 -11.59
CA SER F 7 14.06 24.84 -12.36
C SER F 7 13.65 24.85 -13.80
N GLY F 8 14.24 25.74 -14.56
CA GLY F 8 14.16 25.73 -16.01
C GLY F 8 12.98 26.43 -16.63
N GLY F 9 12.29 27.28 -15.86
CA GLY F 9 11.23 28.15 -16.39
C GLY F 9 11.81 29.39 -17.06
N GLY F 10 10.94 30.27 -17.55
CA GLY F 10 11.36 31.57 -18.13
C GLY F 10 10.38 32.17 -19.11
N VAL F 11 10.84 33.02 -20.02
CA VAL F 11 9.94 33.54 -21.04
C VAL F 11 10.27 32.93 -22.37
N VAL F 12 9.22 32.53 -23.10
CA VAL F 12 9.32 31.87 -24.40
C VAL F 12 8.26 32.38 -25.36
N GLN F 13 8.51 32.14 -26.64
CA GLN F 13 7.65 32.59 -27.73
C GLN F 13 6.50 31.59 -27.90
N PRO F 14 5.34 32.08 -28.38
CA PRO F 14 4.27 31.12 -28.69
C PRO F 14 4.71 30.10 -29.72
N GLY F 15 4.34 28.84 -29.49
CA GLY F 15 4.82 27.74 -30.31
C GLY F 15 6.15 27.17 -29.84
N GLY F 16 6.87 27.87 -28.97
CA GLY F 16 8.15 27.38 -28.44
C GLY F 16 8.11 26.17 -27.50
N SER F 17 9.27 25.86 -26.93
CA SER F 17 9.49 24.67 -26.09
C SER F 17 10.16 25.03 -24.74
N LEU F 18 10.05 24.11 -23.76
CA LEU F 18 10.72 24.26 -22.47
C LEU F 18 10.86 22.93 -21.80
N LYS F 19 11.79 22.82 -20.88
CA LYS F 19 11.93 21.60 -20.13
C LYS F 19 12.15 21.98 -18.69
N LEU F 20 11.36 21.41 -17.80
CA LEU F 20 11.43 21.77 -16.42
C LEU F 20 11.98 20.63 -15.63
N SER F 21 12.81 20.93 -14.62
CA SER F 21 13.40 19.92 -13.73
C SER F 21 12.90 20.14 -12.33
N CYS F 22 12.84 19.04 -11.57
CA CYS F 22 12.46 19.06 -10.17
C CYS F 22 13.43 18.16 -9.45
N ALA F 23 14.37 18.74 -8.74
CA ALA F 23 15.34 17.94 -8.02
C ALA F 23 14.73 17.66 -6.67
N ALA F 24 14.74 16.39 -6.29
CA ALA F 24 14.13 15.93 -5.06
C ALA F 24 15.20 15.31 -4.23
N SER F 25 15.14 15.56 -2.92
CA SER F 25 16.02 14.86 -1.95
C SER F 25 15.39 14.68 -0.56
N GLY F 26 16.09 13.90 0.26
CA GLY F 26 15.64 13.61 1.61
C GLY F 26 14.41 12.74 1.68
N PHE F 27 14.15 11.94 0.65
CA PHE F 27 13.16 10.83 0.76
C PHE F 27 13.35 9.83 -0.36
N THR F 28 12.68 8.69 -0.27
CA THR F 28 12.81 7.69 -1.33
C THR F 28 11.99 8.06 -2.57
N PHE F 29 12.63 8.79 -3.48
CA PHE F 29 12.03 9.25 -4.75
C PHE F 29 11.44 8.11 -5.54
N SER F 30 12.20 7.03 -5.66
CA SER F 30 11.81 5.90 -6.50
C SER F 30 10.51 5.19 -6.06
N THR F 31 9.97 5.53 -4.89
CA THR F 31 8.76 4.91 -4.37
C THR F 31 7.51 5.68 -4.66
N TYR F 32 7.63 6.91 -5.14
CA TYR F 32 6.45 7.78 -5.28
C TYR F 32 6.02 8.20 -6.68
N ASP F 33 4.71 8.37 -6.83
CA ASP F 33 4.10 9.04 -7.99
C ASP F 33 4.30 10.52 -7.81
N MET F 34 4.38 11.24 -8.92
CA MET F 34 4.73 12.65 -8.92
C MET F 34 3.74 13.37 -9.79
N SER F 35 3.54 14.65 -9.54
CA SER F 35 2.54 15.40 -10.26
C SER F 35 3.04 16.80 -10.62
N TRP F 36 2.56 17.28 -11.76
CA TRP F 36 2.84 18.62 -12.20
C TRP F 36 1.52 19.40 -12.18
N VAL F 37 1.54 20.52 -11.50
CA VAL F 37 0.36 21.33 -11.34
C VAL F 37 0.76 22.75 -11.67
N ARG F 38 -0.15 23.51 -12.26
CA ARG F 38 0.12 24.88 -12.63
C ARG F 38 -0.95 25.77 -12.09
N GLN F 39 -0.59 27.04 -11.97
CA GLN F 39 -1.48 28.07 -11.43
C GLN F 39 -1.47 29.28 -12.34
N THR F 40 -2.55 29.46 -13.09
CA THR F 40 -2.66 30.53 -14.04
C THR F 40 -2.74 31.88 -13.31
N PRO F 41 -2.57 33.01 -14.04
CA PRO F 41 -2.52 34.33 -13.38
C PRO F 41 -3.81 34.76 -12.67
N ASP F 42 -4.95 34.29 -13.16
CA ASP F 42 -6.23 34.38 -12.46
C ASP F 42 -6.33 33.60 -11.16
N LYS F 43 -5.25 32.91 -10.78
CA LYS F 43 -5.18 32.13 -9.56
C LYS F 43 -5.98 30.81 -9.55
N ARG F 44 -6.51 30.38 -10.70
CA ARG F 44 -7.03 29.01 -10.82
C ARG F 44 -5.87 28.00 -10.78
N LEU F 45 -6.19 26.74 -10.49
CA LEU F 45 -5.22 25.64 -10.47
C LEU F 45 -5.64 24.54 -11.42
N GLU F 46 -4.66 23.75 -11.88
CA GLU F 46 -4.93 22.73 -12.89
C GLU F 46 -3.82 21.72 -12.87
N LEU F 47 -4.21 20.46 -12.72
CA LEU F 47 -3.28 19.34 -12.79
C LEU F 47 -2.91 19.15 -14.26
N VAL F 48 -1.61 19.11 -14.58
CA VAL F 48 -1.17 18.91 -15.98
C VAL F 48 -0.40 17.60 -16.28
N ALA F 49 0.05 16.88 -15.26
CA ALA F 49 0.74 15.60 -15.49
C ALA F 49 0.81 14.80 -14.22
N THR F 50 0.64 13.49 -14.37
CA THR F 50 0.96 12.52 -13.32
C THR F 50 1.85 11.41 -13.94
N ILE F 51 2.80 10.93 -13.13
CA ILE F 51 3.71 9.81 -13.44
C ILE F 51 3.89 8.88 -12.23
N ASN F 52 3.78 7.58 -12.46
CA ASN F 52 4.01 6.60 -11.41
C ASN F 52 5.50 6.30 -11.15
N SER F 53 5.73 5.51 -10.11
CA SER F 53 7.05 5.30 -9.49
C SER F 53 8.23 5.00 -10.42
N ASN F 54 8.00 4.09 -11.38
CA ASN F 54 9.07 3.62 -12.27
C ASN F 54 9.06 4.37 -13.56
N GLY F 55 8.08 5.23 -13.75
CA GLY F 55 7.97 5.99 -14.97
C GLY F 55 7.15 5.31 -16.05
N GLY F 56 6.52 4.18 -15.70
CA GLY F 56 5.84 3.33 -16.67
C GLY F 56 4.48 3.76 -17.18
N SER F 57 3.72 4.48 -16.36
CA SER F 57 2.41 5.07 -16.75
C SER F 57 2.40 6.59 -16.57
N THR F 58 1.73 7.26 -17.50
CA THR F 58 1.62 8.72 -17.51
C THR F 58 0.19 9.14 -17.87
N TYR F 59 -0.29 10.22 -17.23
CA TYR F 59 -1.55 10.86 -17.61
C TYR F 59 -1.41 12.38 -17.89
N TYR F 60 -2.19 12.87 -18.84
CA TYR F 60 -2.25 14.29 -19.24
C TYR F 60 -3.71 14.66 -19.59
N PRO F 61 -4.23 15.75 -18.98
CA PRO F 61 -5.53 16.31 -19.36
C PRO F 61 -5.58 16.83 -20.79
N ASP F 62 -6.77 16.93 -21.37
CA ASP F 62 -6.90 17.22 -22.79
C ASP F 62 -6.25 18.55 -23.20
N SER F 63 -6.13 19.45 -22.24
CA SER F 63 -5.61 20.78 -22.49
C SER F 63 -4.12 20.81 -22.80
N VAL F 64 -3.40 19.75 -22.44
CA VAL F 64 -1.95 19.70 -22.66
C VAL F 64 -1.46 18.38 -23.27
N LYS F 65 -2.40 17.50 -23.58
CA LYS F 65 -2.13 16.20 -24.10
C LYS F 65 -1.48 16.35 -25.46
N GLY F 66 -0.38 15.63 -25.65
CA GLY F 66 0.41 15.74 -26.87
C GLY F 66 1.57 16.72 -26.80
N ARG F 67 1.36 17.88 -26.16
CA ARG F 67 2.33 18.97 -26.13
C ARG F 67 3.27 18.87 -24.94
N PHE F 68 2.81 18.18 -23.89
CA PHE F 68 3.55 18.05 -22.67
C PHE F 68 3.87 16.58 -22.50
N THR F 69 5.08 16.32 -22.05
CA THR F 69 5.51 14.98 -21.79
C THR F 69 6.22 14.95 -20.45
N SER F 70 6.00 13.89 -19.70
CA SER F 70 6.55 13.78 -18.38
C SER F 70 7.42 12.55 -18.33
N SER F 71 8.56 12.69 -17.64
CA SER F 71 9.53 11.58 -17.46
C SER F 71 10.38 11.81 -16.21
N ARG F 72 10.94 10.73 -15.64
CA ARG F 72 11.80 10.87 -14.43
C ARG F 72 13.15 10.19 -14.56
N ASP F 73 14.03 10.46 -13.59
CA ASP F 73 15.35 9.83 -13.49
C ASP F 73 15.57 9.38 -12.03
N ASN F 74 15.19 8.14 -11.75
CA ASN F 74 15.17 7.63 -10.39
C ASN F 74 16.56 7.39 -9.75
N ALA F 75 17.63 7.43 -10.54
CA ALA F 75 18.99 7.29 -10.00
C ALA F 75 19.42 8.58 -9.37
N LYS F 76 19.28 9.66 -10.11
CA LYS F 76 19.72 10.99 -9.68
C LYS F 76 18.59 11.81 -9.08
N ASN F 77 17.38 11.25 -9.02
CA ASN F 77 16.21 11.87 -8.40
C ASN F 77 15.75 13.14 -9.08
N ILE F 78 15.32 13.06 -10.34
CA ILE F 78 14.70 14.22 -11.00
C ILE F 78 13.44 13.89 -11.78
N LEU F 79 12.54 14.86 -11.75
CA LEU F 79 11.32 14.82 -12.51
C LEU F 79 11.42 15.90 -13.58
N TYR F 80 10.93 15.59 -14.76
CA TYR F 80 11.02 16.49 -15.87
C TYR F 80 9.63 16.67 -16.42
N LEU F 81 9.39 17.85 -16.96
CA LEU F 81 8.28 18.03 -17.86
C LEU F 81 8.81 18.75 -19.06
N GLN F 82 8.70 18.11 -20.21
CA GLN F 82 9.02 18.76 -21.49
C GLN F 82 7.74 19.33 -22.04
N MET F 83 7.81 20.56 -22.49
CA MET F 83 6.67 21.18 -23.08
C MET F 83 7.10 21.60 -24.48
N SER F 84 6.27 21.33 -25.47
CA SER F 84 6.44 21.98 -26.77
C SER F 84 5.11 22.55 -27.20
N SER F 85 5.09 23.28 -28.30
CA SER F 85 3.87 23.96 -28.80
C SER F 85 3.20 24.76 -27.71
N LEU F 86 3.99 25.56 -27.00
CA LEU F 86 3.46 26.36 -25.89
C LEU F 86 2.53 27.48 -26.36
N LYS F 87 1.39 27.63 -25.68
CA LYS F 87 0.43 28.69 -26.02
C LYS F 87 0.29 29.66 -24.84
N SER F 88 -0.29 30.82 -25.06
CA SER F 88 -0.36 31.87 -24.06
C SER F 88 -1.06 31.39 -22.81
N GLU F 89 -2.10 30.58 -23.00
CA GLU F 89 -2.81 29.97 -21.90
C GLU F 89 -1.98 28.95 -21.07
N ASP F 90 -0.70 28.79 -21.40
CA ASP F 90 0.21 27.96 -20.61
C ASP F 90 1.07 28.78 -19.67
N THR F 91 0.91 30.09 -19.71
CA THR F 91 1.55 30.99 -18.77
C THR F 91 1.00 30.68 -17.41
N ALA F 92 1.91 30.31 -16.50
CA ALA F 92 1.55 29.88 -15.15
C ALA F 92 2.82 29.58 -14.34
N MET F 93 2.64 29.51 -13.03
CA MET F 93 3.63 28.97 -12.12
C MET F 93 3.44 27.46 -12.15
N TYR F 94 4.53 26.71 -12.37
CA TYR F 94 4.47 25.26 -12.41
C TYR F 94 5.11 24.63 -11.15
N TYR F 95 4.36 23.75 -10.47
CA TYR F 95 4.83 23.07 -9.26
C TYR F 95 5.10 21.59 -9.46
N CYS F 96 6.06 21.09 -8.69
N CYS F 96 6.12 21.06 -8.78
CA CYS F 96 6.37 19.68 -8.59
CA CYS F 96 6.32 19.62 -8.68
C CYS F 96 5.83 19.22 -7.26
C CYS F 96 5.86 19.19 -7.29
N ALA F 97 4.88 18.28 -7.26
CA ALA F 97 4.30 17.78 -6.04
C ALA F 97 4.40 16.27 -6.02
N ARG F 98 4.51 15.73 -4.81
CA ARG F 98 4.57 14.30 -4.59
C ARG F 98 3.20 13.78 -4.24
N GLU F 99 2.90 12.60 -4.74
CA GLU F 99 1.65 11.94 -4.41
C GLU F 99 1.73 11.23 -3.06
N ALA F 100 0.82 11.61 -2.19
CA ALA F 100 0.82 11.15 -0.81
C ALA F 100 0.42 9.68 -0.74
N LEU F 101 0.84 9.00 0.33
CA LEU F 101 0.55 7.59 0.55
C LEU F 101 -0.49 7.53 1.59
N LEU F 102 -1.70 7.10 1.24
CA LEU F 102 -2.82 7.23 2.13
C LEU F 102 -3.71 6.00 2.24
N ARG F 103 -4.58 6.07 3.25
CA ARG F 103 -5.68 5.15 3.50
C ARG F 103 -6.87 6.01 3.94
N PRO F 104 -8.01 5.96 3.24
CA PRO F 104 -8.14 5.23 2.01
C PRO F 104 -7.33 5.96 0.98
N ALA F 105 -6.90 5.21 -0.04
CA ALA F 105 -5.91 5.68 -1.01
C ALA F 105 -6.44 6.64 -2.05
N TYR F 106 -6.86 7.83 -1.62
CA TYR F 106 -7.33 8.88 -2.54
C TYR F 106 -6.09 9.60 -3.08
N TYR F 107 -6.30 10.47 -4.06
CA TYR F 107 -5.20 11.20 -4.69
C TYR F 107 -5.05 12.48 -3.97
N ALA F 108 -3.87 12.66 -3.44
CA ALA F 108 -3.52 13.92 -2.81
C ALA F 108 -2.03 14.10 -2.90
N LEU F 109 -1.62 15.36 -2.90
CA LEU F 109 -0.24 15.76 -2.91
C LEU F 109 0.15 16.37 -1.57
N ASP F 110 1.03 15.69 -0.85
CA ASP F 110 1.32 16.10 0.51
C ASP F 110 2.42 17.15 0.55
N TYR F 111 3.38 17.04 -0.36
CA TYR F 111 4.48 18.01 -0.42
C TYR F 111 4.61 18.61 -1.80
N TRP F 112 4.71 19.93 -1.85
CA TRP F 112 4.84 20.69 -3.10
C TRP F 112 6.15 21.48 -3.08
N GLY F 113 6.75 21.61 -4.26
CA GLY F 113 7.84 22.58 -4.43
C GLY F 113 7.27 23.98 -4.50
N GLN F 114 8.13 24.97 -4.45
CA GLN F 114 7.69 26.35 -4.45
C GLN F 114 7.39 26.87 -5.87
N GLY F 115 7.57 26.06 -6.90
CA GLY F 115 7.13 26.38 -8.26
C GLY F 115 8.15 27.14 -9.08
N THR F 116 8.07 27.06 -10.41
CA THR F 116 8.92 27.88 -11.27
C THR F 116 8.06 28.61 -12.30
N SER F 117 8.39 29.86 -12.56
CA SER F 117 7.57 30.77 -13.38
C SER F 117 7.74 30.55 -14.90
N VAL F 118 6.62 30.47 -15.60
CA VAL F 118 6.63 30.34 -17.05
C VAL F 118 5.70 31.34 -17.71
N THR F 119 6.24 32.03 -18.72
CA THR F 119 5.47 32.99 -19.50
C THR F 119 5.58 32.67 -20.99
N VAL F 120 4.42 32.57 -21.65
CA VAL F 120 4.34 32.51 -23.10
C VAL F 120 3.80 33.87 -23.64
N SER F 121 4.67 34.65 -24.28
CA SER F 121 4.24 35.87 -25.02
C SER F 121 5.06 36.16 -26.27
N SER F 122 4.63 37.17 -27.04
CA SER F 122 5.38 37.69 -28.19
C SER F 122 6.51 38.64 -27.75
#